data_7L01
#
_entry.id   7L01
#
_cell.length_a   50.059
_cell.length_b   158.027
_cell.length_c   61.050
_cell.angle_alpha   90.000
_cell.angle_beta   104.600
_cell.angle_gamma   90.000
#
_symmetry.space_group_name_H-M   'P 1 21 1'
#
loop_
_entity.id
_entity.type
_entity.pdbx_description
1 polymer 'Dihydroorotate dehydrogenase (quinone), mitochondrial'
2 non-polymer N-[(1R)-1-(5-cyano-1H-pyrazol-3-yl)ethyl]-3-methyl-4-{1-[6-(trifluoromethyl)pyridin-3-yl]cyclopropyl}-1H-pyrrole-2-carboxamide
3 non-polymer 'FLAVIN MONONUCLEOTIDE'
4 non-polymer 'OROTIC ACID'
5 water water
#
_entity_poly.entity_id   1
_entity_poly.type   'polypeptide(L)'
_entity_poly.pdbx_seq_one_letter_code
;MGHHHHHHAENLYFQGADPFESYNPEFFLYDIFLKFCLKYIDGEICHDLFLLLGKYNILPYDTSNDSIYACTNIKHLDFI
NPFGVAAGFDKNGVCIDSILKLGFSFIEIGTITPRGQTGNAKPRIFRDVESRSIINSCGFNNMGCDKVTENLILFRKRQE
EDKLLSKHIVGVSIGKNKDTVNIVDDLKYCINKIGRYADYIAINVSSPNTPGLRDNQEAGKLKNIILSVKEEIDNLEKNN
IMNDEFLWFNTTKKKPLVFVKLAPDLNQEQKKEIADVLLETNIDGMIISNTTTQINDIKSFENKKGGVSGAKLKDISTKF
ICEMYNYTNKQIPIIASGGIFSGLDALEKIEAGASVCQLYSCLVFNGMKSAVQIKRELNHLLYQRGYYNLKEAIGRKHSK
S
;
_entity_poly.pdbx_strand_id   A,B
#
# COMPACT_ATOMS: atom_id res chain seq x y z
N GLU A 21 35.70 18.57 19.17
CA GLU A 21 34.40 19.21 19.36
C GLU A 21 33.45 18.94 18.18
N SER A 22 33.63 17.79 17.53
CA SER A 22 32.72 17.42 16.45
C SER A 22 31.31 17.15 16.96
N TYR A 23 31.19 16.82 18.25
CA TYR A 23 29.92 16.64 18.95
C TYR A 23 29.02 17.87 18.86
N ASN A 24 29.59 19.04 18.60
CA ASN A 24 28.84 20.29 18.80
C ASN A 24 28.08 20.67 17.54
N PRO A 25 26.77 20.92 17.63
CA PRO A 25 25.99 21.23 16.42
C PRO A 25 26.48 22.45 15.67
N GLU A 26 27.19 23.37 16.32
CA GLU A 26 27.64 24.61 15.68
C GLU A 26 29.08 24.52 15.19
N PHE A 27 29.71 23.35 15.34
CA PHE A 27 31.04 23.07 14.81
C PHE A 27 31.13 23.55 13.37
N PHE A 28 32.22 24.29 13.07
CA PHE A 28 32.24 25.09 11.84
C PHE A 28 32.15 24.24 10.60
N LEU A 29 32.59 22.98 10.66
CA LEU A 29 32.57 22.15 9.47
C LEU A 29 31.15 21.83 9.00
N TYR A 30 30.16 21.83 9.90
CA TYR A 30 28.83 21.41 9.43
C TYR A 30 28.30 22.40 8.40
N ASP A 31 28.48 23.70 8.64
CA ASP A 31 27.99 24.71 7.69
C ASP A 31 28.71 24.60 6.36
N ILE A 32 30.00 24.29 6.40
CA ILE A 32 30.75 24.14 5.16
C ILE A 32 30.21 22.98 4.34
N PHE A 33 30.01 21.83 5.00
CA PHE A 33 29.46 20.67 4.31
C PHE A 33 28.05 20.95 3.79
N LEU A 34 27.24 21.67 4.57
CA LEU A 34 25.87 21.93 4.17
C LEU A 34 25.81 22.86 2.96
N LYS A 35 26.62 23.92 2.99
CA LYS A 35 26.64 24.83 1.85
C LYS A 35 27.01 24.07 0.57
N PHE A 36 27.95 23.14 0.68
CA PHE A 36 28.33 22.32 -0.47
C PHE A 36 27.20 21.40 -0.90
N CYS A 37 26.56 20.72 0.06
CA CYS A 37 25.44 19.85 -0.29
C CYS A 37 24.34 20.62 -0.98
N LEU A 38 24.01 21.81 -0.45
CA LEU A 38 22.88 22.56 -0.98
C LEU A 38 23.15 23.03 -2.41
N LYS A 39 24.42 23.21 -2.76
CA LYS A 39 24.82 23.62 -4.11
C LYS A 39 24.93 22.46 -5.09
N TYR A 40 25.39 21.28 -4.65
CA TYR A 40 25.84 20.24 -5.57
C TYR A 40 25.18 18.87 -5.42
N ILE A 41 24.44 18.61 -4.34
CA ILE A 41 23.99 17.25 -4.07
C ILE A 41 22.47 17.23 -4.10
N ASP A 42 21.91 16.22 -4.78
CA ASP A 42 20.47 16.06 -4.83
C ASP A 42 19.85 16.11 -3.43
N GLY A 43 18.67 16.73 -3.33
CA GLY A 43 18.00 16.88 -2.04
C GLY A 43 17.69 15.56 -1.34
N GLU A 44 17.20 14.58 -2.10
CA GLU A 44 16.89 13.31 -1.45
C GLU A 44 18.17 12.59 -1.01
N ILE A 45 19.25 12.71 -1.77
CA ILE A 45 20.52 12.16 -1.30
C ILE A 45 20.98 12.86 -0.02
N CYS A 46 20.87 14.19 0.01
CA CYS A 46 21.18 14.91 1.24
C CYS A 46 20.39 14.35 2.42
N HIS A 47 19.10 14.10 2.20
CA HIS A 47 18.25 13.65 3.29
C HIS A 47 18.61 12.23 3.71
N ASP A 48 18.91 11.37 2.74
CA ASP A 48 19.39 10.03 3.05
C ASP A 48 20.67 10.05 3.86
N LEU A 49 21.60 10.95 3.52
CA LEU A 49 22.85 11.05 4.26
C LEU A 49 22.59 11.46 5.69
N PHE A 50 21.71 12.45 5.88
CA PHE A 50 21.32 12.87 7.21
C PHE A 50 20.77 11.70 8.00
N LEU A 51 19.82 10.96 7.40
CA LEU A 51 19.22 9.85 8.13
C LEU A 51 20.25 8.77 8.44
N LEU A 52 21.21 8.58 7.52
CA LEU A 52 22.26 7.59 7.74
C LEU A 52 23.15 7.99 8.92
N LEU A 53 23.54 9.25 9.00
CA LEU A 53 24.27 9.72 10.17
C LEU A 53 23.47 9.50 11.45
N GLY A 54 22.17 9.79 11.42
CA GLY A 54 21.36 9.60 12.60
C GLY A 54 21.22 8.12 12.97
N LYS A 55 21.08 7.28 11.95
CA LYS A 55 21.01 5.83 12.14
C LYS A 55 22.17 5.31 12.98
N TYR A 56 23.39 5.76 12.65
CA TYR A 56 24.60 5.32 13.33
C TYR A 56 24.98 6.23 14.49
N ASN A 57 24.06 7.08 14.95
CA ASN A 57 24.26 7.90 16.15
C ASN A 57 25.51 8.74 16.07
N ILE A 58 25.80 9.28 14.88
CA ILE A 58 26.97 10.13 14.70
C ILE A 58 26.59 11.55 14.30
N LEU A 59 25.36 11.96 14.55
CA LEU A 59 25.05 13.37 14.46
C LEU A 59 25.57 14.11 15.70
N PRO A 60 25.87 15.39 15.58
CA PRO A 60 26.19 16.19 16.76
C PRO A 60 24.98 16.30 17.67
N TYR A 61 25.21 16.74 18.89
CA TYR A 61 24.10 16.79 19.83
C TYR A 61 24.28 17.95 20.79
N ASP A 62 23.16 18.44 21.31
CA ASP A 62 23.13 19.38 22.42
C ASP A 62 22.17 18.84 23.47
N THR A 63 22.71 18.23 24.52
CA THR A 63 21.89 17.76 25.63
C THR A 63 21.96 18.70 26.84
N SER A 64 22.26 19.98 26.57
CA SER A 64 22.24 21.02 27.59
C SER A 64 20.82 21.24 28.10
N ASN A 65 20.71 21.69 29.35
CA ASN A 65 19.43 22.16 29.87
C ASN A 65 18.92 23.32 29.03
N ASP A 66 17.63 23.30 28.75
CA ASP A 66 16.92 24.40 28.10
C ASP A 66 16.39 25.35 29.17
N SER A 67 16.14 26.58 28.75
CA SER A 67 15.55 27.56 29.66
C SER A 67 14.19 27.10 30.15
N ILE A 68 14.02 27.07 31.47
CA ILE A 68 12.71 26.79 32.02
C ILE A 68 11.69 27.85 31.67
N TYR A 69 12.11 29.03 31.21
CA TYR A 69 11.16 30.09 30.89
C TYR A 69 10.69 30.06 29.44
N ALA A 70 11.16 29.08 28.66
CA ALA A 70 10.73 28.90 27.28
C ALA A 70 10.01 27.57 27.10
N CYS A 71 9.76 26.87 28.20
CA CYS A 71 8.93 25.68 28.12
CA CYS A 71 8.90 25.69 28.20
C CYS A 71 7.50 26.06 27.74
N THR A 72 6.77 25.08 27.20
CA THR A 72 5.39 25.32 26.82
C THR A 72 4.60 24.01 26.97
N ASN A 73 3.29 24.11 26.84
CA ASN A 73 2.46 22.93 27.01
C ASN A 73 1.23 23.02 26.12
N ILE A 74 0.75 21.86 25.71
CA ILE A 74 -0.58 21.70 25.15
C ILE A 74 -1.25 20.64 26.02
N LYS A 75 -2.30 21.04 26.76
CA LYS A 75 -2.92 20.15 27.76
C LYS A 75 -1.80 19.63 28.65
N HIS A 76 -1.68 18.33 28.84
CA HIS A 76 -0.70 17.72 29.73
C HIS A 76 0.61 17.45 29.04
N LEU A 77 0.72 17.72 27.74
CA LEU A 77 1.98 17.59 27.04
C LEU A 77 2.87 18.75 27.39
N ASP A 78 3.95 18.46 28.09
CA ASP A 78 4.90 19.45 28.59
C ASP A 78 6.14 19.42 27.73
N PHE A 79 6.28 20.42 26.85
CA PHE A 79 7.43 20.51 25.96
C PHE A 79 8.58 21.22 26.65
N ILE A 80 9.77 20.60 26.62
CA ILE A 80 10.92 21.19 27.32
C ILE A 80 11.36 22.48 26.66
N ASN A 81 11.07 22.65 25.38
CA ASN A 81 11.31 23.89 24.66
C ASN A 81 10.31 23.95 23.53
N PRO A 82 10.20 25.07 22.85
CA PRO A 82 9.08 25.26 21.93
C PRO A 82 9.34 24.85 20.48
N PHE A 83 10.38 24.04 20.22
CA PHE A 83 10.73 23.67 18.85
C PHE A 83 10.74 22.16 18.65
N GLY A 84 9.89 21.69 17.74
CA GLY A 84 9.98 20.34 17.25
C GLY A 84 10.30 20.28 15.77
N VAL A 85 10.45 19.05 15.28
CA VAL A 85 10.56 18.77 13.87
C VAL A 85 9.20 18.30 13.35
N ALA A 86 8.74 18.97 12.28
CA ALA A 86 7.47 18.69 11.63
C ALA A 86 7.45 17.29 10.97
N ALA A 87 6.23 16.85 10.63
CA ALA A 87 6.06 15.60 9.93
C ALA A 87 6.75 15.62 8.57
N GLY A 88 7.07 14.44 8.10
CA GLY A 88 7.65 14.27 6.79
C GLY A 88 9.15 14.38 6.75
N PHE A 89 9.79 14.52 7.90
CA PHE A 89 11.25 14.61 7.99
C PHE A 89 11.86 13.25 8.31
N ASP A 90 11.46 12.66 9.44
CA ASP A 90 11.65 11.25 9.74
C ASP A 90 10.29 10.54 9.56
N LYS A 91 10.01 10.19 8.31
CA LYS A 91 8.73 9.59 7.98
C LYS A 91 8.57 8.23 8.65
N ASN A 92 9.66 7.50 8.82
CA ASN A 92 9.61 6.12 9.28
C ASN A 92 10.05 5.92 10.73
N GLY A 93 10.33 7.01 11.44
CA GLY A 93 10.79 6.89 12.82
C GLY A 93 12.06 6.11 12.97
N VAL A 94 13.03 6.33 12.08
CA VAL A 94 14.29 5.61 12.13
C VAL A 94 15.41 6.47 12.66
N CYS A 95 15.12 7.71 13.02
CA CYS A 95 16.11 8.73 13.33
C CYS A 95 15.66 9.55 14.54
N ILE A 96 14.80 9.00 15.40
CA ILE A 96 14.12 9.80 16.43
C ILE A 96 15.12 10.32 17.44
N ASP A 97 15.88 9.42 18.08
CA ASP A 97 16.83 9.82 19.10
C ASP A 97 17.74 10.93 18.60
N SER A 98 18.35 10.73 17.42
CA SER A 98 19.40 11.63 16.94
C SER A 98 18.84 13.01 16.57
N ILE A 99 17.65 13.08 15.96
CA ILE A 99 17.04 14.37 15.66
C ILE A 99 16.71 15.10 16.96
N LEU A 100 16.07 14.41 17.91
CA LEU A 100 15.76 15.04 19.20
C LEU A 100 17.01 15.61 19.83
N LYS A 101 18.10 14.86 19.81
CA LYS A 101 19.29 15.29 20.54
C LYS A 101 20.03 16.42 19.84
N LEU A 102 19.62 16.82 18.64
CA LEU A 102 20.05 18.12 18.12
C LEU A 102 19.54 19.28 18.96
N GLY A 103 18.48 19.08 19.74
CA GLY A 103 18.02 20.11 20.66
C GLY A 103 16.54 20.39 20.58
N PHE A 104 15.83 19.55 19.83
CA PHE A 104 14.38 19.65 19.72
C PHE A 104 13.67 18.99 20.89
N SER A 105 12.48 19.52 21.22
CA SER A 105 11.68 18.96 22.29
C SER A 105 10.79 17.84 21.82
N PHE A 106 10.50 17.80 20.53
CA PHE A 106 9.59 16.79 20.02
C PHE A 106 9.80 16.60 18.54
N ILE A 107 9.26 15.50 18.04
CA ILE A 107 9.27 15.21 16.61
C ILE A 107 7.94 14.58 16.30
N GLU A 108 7.41 14.91 15.15
CA GLU A 108 6.23 14.27 14.61
C GLU A 108 6.67 13.34 13.49
N ILE A 109 6.56 12.01 13.69
CA ILE A 109 6.99 11.07 12.66
C ILE A 109 5.83 10.81 11.71
N GLY A 110 6.09 10.14 10.60
CA GLY A 110 5.10 10.03 9.55
C GLY A 110 5.21 11.19 8.59
N THR A 111 4.17 11.39 7.77
CA THR A 111 2.91 10.71 7.80
C THR A 111 3.02 9.23 7.40
N ILE A 112 2.38 8.38 8.20
CA ILE A 112 2.34 6.94 7.94
C ILE A 112 0.98 6.56 7.36
N THR A 113 0.96 5.45 6.66
CA THR A 113 -0.24 4.86 6.08
C THR A 113 -0.30 3.37 6.42
N PRO A 114 -1.49 2.74 6.37
CA PRO A 114 -1.56 1.32 6.79
C PRO A 114 -0.56 0.42 6.09
N ARG A 115 -0.51 0.45 4.77
CA ARG A 115 0.45 -0.26 3.97
C ARG A 115 1.58 0.69 3.61
N GLY A 116 2.77 0.15 3.38
CA GLY A 116 3.84 0.99 2.88
C GLY A 116 3.52 1.54 1.50
N GLN A 117 4.23 2.59 1.13
CA GLN A 117 4.14 3.17 -0.22
C GLN A 117 5.49 3.76 -0.60
N THR A 118 5.84 3.75 -1.89
CA THR A 118 7.08 4.41 -2.31
C THR A 118 6.84 5.84 -2.79
N GLY A 119 5.60 6.25 -2.96
CA GLY A 119 5.31 7.65 -3.21
C GLY A 119 5.34 7.96 -4.69
N ASN A 120 5.27 9.25 -5.01
CA ASN A 120 5.19 9.67 -6.41
C ASN A 120 6.56 9.51 -7.07
N ALA A 121 6.56 9.57 -8.41
CA ALA A 121 7.79 9.43 -9.16
C ALA A 121 8.74 10.61 -8.93
N LYS A 122 10.05 10.32 -9.00
CA LYS A 122 11.13 11.28 -8.86
C LYS A 122 11.50 11.84 -10.22
N PRO A 123 12.05 13.06 -10.30
CA PRO A 123 12.30 14.02 -9.22
C PRO A 123 10.99 14.57 -8.69
N ARG A 124 10.91 14.70 -7.38
CA ARG A 124 9.69 15.16 -6.73
C ARG A 124 9.95 16.18 -5.65
N ILE A 125 11.21 16.50 -5.33
CA ILE A 125 11.57 17.45 -4.31
C ILE A 125 12.61 18.39 -4.89
N PHE A 126 12.40 19.70 -4.71
CA PHE A 126 13.27 20.72 -5.27
C PHE A 126 13.48 21.79 -4.21
N ARG A 127 14.71 22.26 -4.04
CA ARG A 127 15.00 23.32 -3.08
C ARG A 127 15.39 24.58 -3.84
N ASP A 128 15.03 25.73 -3.28
CA ASP A 128 15.50 27.02 -3.78
C ASP A 128 16.19 27.73 -2.61
N VAL A 129 17.53 27.68 -2.61
CA VAL A 129 18.29 28.25 -1.50
C VAL A 129 18.06 29.75 -1.37
N GLU A 130 17.91 30.46 -2.50
CA GLU A 130 17.80 31.92 -2.49
C GLU A 130 16.58 32.36 -1.70
N SER A 131 15.44 31.72 -1.95
CA SER A 131 14.19 32.04 -1.28
C SER A 131 13.93 31.18 -0.05
N ARG A 132 14.85 30.28 0.30
CA ARG A 132 14.74 29.38 1.46
C ARG A 132 13.43 28.61 1.41
N SER A 133 13.14 28.06 0.24
CA SER A 133 11.88 27.40 -0.02
C SER A 133 12.13 26.03 -0.63
N ILE A 134 11.10 25.18 -0.48
CA ILE A 134 11.08 23.82 -1.00
C ILE A 134 9.73 23.59 -1.66
N ILE A 135 9.72 22.77 -2.72
CA ILE A 135 8.47 22.25 -3.26
C ILE A 135 8.57 20.72 -3.32
N ASN A 136 7.49 20.04 -2.94
CA ASN A 136 7.52 18.58 -2.89
C ASN A 136 6.23 18.00 -3.43
N SER A 137 6.36 16.92 -4.17
CA SER A 137 5.22 16.06 -4.46
C SER A 137 5.54 14.63 -4.02
N CYS A 138 5.81 14.41 -2.73
CA CYS A 138 6.33 13.12 -2.28
C CYS A 138 5.28 12.02 -2.38
N GLY A 139 4.05 12.28 -1.93
CA GLY A 139 2.98 11.29 -1.92
C GLY A 139 3.00 10.25 -0.80
N PHE A 140 3.28 10.65 0.42
CA PHE A 140 3.30 9.78 1.62
C PHE A 140 4.11 8.51 1.43
N ASN A 141 5.37 8.65 1.05
CA ASN A 141 6.22 7.48 1.03
C ASN A 141 6.58 7.12 2.47
N ASN A 142 6.42 5.85 2.84
CA ASN A 142 6.72 5.36 4.18
C ASN A 142 6.70 3.85 4.14
N MET A 143 7.24 3.25 5.20
CA MET A 143 7.36 1.80 5.28
C MET A 143 6.07 1.11 5.68
N GLY A 144 5.04 1.87 6.03
CA GLY A 144 3.76 1.36 6.50
C GLY A 144 3.67 1.33 8.01
N CYS A 145 2.43 1.37 8.50
CA CYS A 145 2.17 1.50 9.93
C CYS A 145 2.82 0.38 10.73
N ASP A 146 2.77 -0.87 10.25
CA ASP A 146 3.29 -1.98 11.04
C ASP A 146 4.79 -1.85 11.27
N LYS A 147 5.55 -1.53 10.21
CA LYS A 147 7.00 -1.37 10.31
C LYS A 147 7.36 -0.13 11.12
N VAL A 148 6.64 0.98 10.90
CA VAL A 148 6.99 2.18 11.66
C VAL A 148 6.67 2.00 13.15
N THR A 149 5.61 1.26 13.47
CA THR A 149 5.34 0.95 14.87
C THR A 149 6.50 0.17 15.50
N GLU A 150 7.05 -0.83 14.80
CA GLU A 150 8.24 -1.51 15.30
C GLU A 150 9.38 -0.51 15.59
N ASN A 151 9.62 0.42 14.68
CA ASN A 151 10.68 1.42 14.87
C ASN A 151 10.40 2.27 16.09
N LEU A 152 9.15 2.69 16.26
CA LEU A 152 8.80 3.53 17.40
C LEU A 152 8.89 2.73 18.70
N ILE A 153 8.54 1.44 18.69
CA ILE A 153 8.69 0.62 19.89
C ILE A 153 10.15 0.57 20.31
N LEU A 154 11.06 0.40 19.36
CA LEU A 154 12.47 0.35 19.69
C LEU A 154 12.91 1.65 20.35
N PHE A 155 12.43 2.79 19.85
CA PHE A 155 12.73 4.07 20.47
C PHE A 155 12.15 4.15 21.88
N ARG A 156 10.90 3.73 22.07
CA ARG A 156 10.32 3.79 23.41
C ARG A 156 11.13 2.94 24.39
N LYS A 157 11.66 1.80 23.94
CA LYS A 157 12.48 0.97 24.81
C LYS A 157 13.79 1.66 25.17
N ARG A 158 14.41 2.33 24.20
CA ARG A 158 15.62 3.09 24.51
C ARG A 158 15.30 4.24 25.45
N GLN A 159 14.16 4.90 25.22
CA GLN A 159 13.77 6.02 26.05
C GLN A 159 13.64 5.61 27.51
N GLU A 160 13.12 4.41 27.75
CA GLU A 160 12.99 3.93 29.12
C GLU A 160 14.34 3.78 29.82
N GLU A 161 15.44 3.68 29.07
CA GLU A 161 16.75 3.43 29.63
C GLU A 161 17.67 4.66 29.56
N ASP A 162 17.16 5.81 29.12
CA ASP A 162 18.01 6.98 28.89
C ASP A 162 17.29 8.23 29.42
N LYS A 163 17.75 8.74 30.56
CA LYS A 163 17.06 9.86 31.18
C LYS A 163 17.10 11.11 30.32
N LEU A 164 18.08 11.22 29.44
CA LEU A 164 18.16 12.39 28.58
C LEU A 164 17.12 12.36 27.46
N LEU A 165 16.33 11.29 27.34
CA LEU A 165 15.21 11.23 26.41
C LEU A 165 13.84 11.18 27.09
N SER A 166 13.81 11.14 28.42
CA SER A 166 12.59 10.83 29.16
C SER A 166 11.50 11.89 29.04
N LYS A 167 11.83 13.13 28.74
CA LYS A 167 10.82 14.16 28.60
C LYS A 167 10.52 14.52 27.15
N HIS A 168 11.21 13.91 26.20
CA HIS A 168 10.96 14.24 24.80
C HIS A 168 9.66 13.60 24.35
N ILE A 169 9.01 14.26 23.41
CA ILE A 169 7.67 13.91 22.95
C ILE A 169 7.74 13.45 21.50
N VAL A 170 6.97 12.41 21.18
CA VAL A 170 6.87 11.89 19.80
C VAL A 170 5.40 11.82 19.43
N GLY A 171 5.02 12.59 18.41
CA GLY A 171 3.70 12.50 17.80
C GLY A 171 3.81 11.67 16.56
N VAL A 172 2.69 11.10 16.15
CA VAL A 172 2.61 10.33 14.91
C VAL A 172 1.55 10.96 14.01
N SER A 173 1.95 11.32 12.80
CA SER A 173 1.03 11.79 11.79
C SER A 173 0.51 10.59 11.01
N ILE A 174 -0.79 10.55 10.79
CA ILE A 174 -1.45 9.42 10.13
C ILE A 174 -2.29 9.91 8.97
N GLY A 175 -2.33 9.06 7.93
CA GLY A 175 -3.00 9.39 6.69
C GLY A 175 -3.57 8.16 6.02
N LYS A 176 -3.90 8.27 4.76
CA LYS A 176 -4.44 7.15 4.00
C LYS A 176 -3.52 6.77 2.85
N ASN A 177 -3.54 5.48 2.54
CA ASN A 177 -2.92 5.00 1.31
C ASN A 177 -3.62 5.64 0.12
N LYS A 178 -2.85 5.84 -0.94
CA LYS A 178 -3.38 6.53 -2.12
C LYS A 178 -4.67 5.91 -2.61
N ASP A 179 -4.72 4.58 -2.68
CA ASP A 179 -5.86 3.89 -3.30
C ASP A 179 -7.01 3.59 -2.35
N THR A 180 -6.91 3.98 -1.07
CA THR A 180 -7.98 3.71 -0.12
C THR A 180 -9.19 4.57 -0.40
N VAL A 181 -10.37 3.96 -0.33
CA VAL A 181 -11.59 4.70 -0.63
C VAL A 181 -12.06 5.48 0.58
N ASN A 182 -12.12 4.85 1.75
CA ASN A 182 -12.61 5.46 2.97
CA ASN A 182 -12.60 5.48 2.97
C ASN A 182 -11.43 5.72 3.92
N ILE A 183 -11.02 6.98 3.97
CA ILE A 183 -9.92 7.42 4.83
C ILE A 183 -10.05 6.91 6.25
N VAL A 184 -11.27 6.93 6.82
CA VAL A 184 -11.45 6.56 8.22
C VAL A 184 -10.92 5.16 8.49
N ASP A 185 -11.12 4.23 7.54
CA ASP A 185 -10.61 2.87 7.71
C ASP A 185 -9.12 2.86 7.96
N ASP A 186 -8.39 3.64 7.17
CA ASP A 186 -6.94 3.70 7.33
C ASP A 186 -6.54 4.41 8.62
N LEU A 187 -7.27 5.46 9.00
CA LEU A 187 -6.92 6.14 10.24
C LEU A 187 -7.12 5.22 11.44
N LYS A 188 -8.24 4.47 11.46
CA LYS A 188 -8.49 3.49 12.52
C LYS A 188 -7.40 2.44 12.55
N TYR A 189 -6.98 1.98 11.39
CA TYR A 189 -5.93 0.99 11.33
C TYR A 189 -4.69 1.49 12.02
N CYS A 190 -4.27 2.73 11.70
CA CYS A 190 -3.06 3.25 12.32
C CYS A 190 -3.23 3.42 13.84
N ILE A 191 -4.40 3.91 14.28
CA ILE A 191 -4.67 4.08 15.70
C ILE A 191 -4.50 2.77 16.42
N ASN A 192 -5.06 1.70 15.86
CA ASN A 192 -5.05 0.43 16.55
C ASN A 192 -3.68 -0.20 16.62
N LYS A 193 -2.76 0.23 15.78
N LYS A 193 -2.77 0.18 15.73
CA LYS A 193 -1.43 -0.37 15.80
CA LYS A 193 -1.41 -0.36 15.79
C LYS A 193 -0.38 0.50 16.46
C LYS A 193 -0.48 0.54 16.61
N ILE A 194 -0.41 1.81 16.25
CA ILE A 194 0.63 2.70 16.78
C ILE A 194 0.15 3.62 17.89
N GLY A 195 -1.16 3.73 18.12
CA GLY A 195 -1.65 4.76 19.02
C GLY A 195 -1.12 4.66 20.43
N ARG A 196 -0.92 3.44 20.93
CA ARG A 196 -0.47 3.29 22.31
C ARG A 196 0.97 3.75 22.51
N TYR A 197 1.71 4.03 21.43
CA TYR A 197 3.11 4.46 21.51
C TYR A 197 3.28 5.95 21.21
N ALA A 198 2.20 6.63 20.90
CA ALA A 198 2.22 8.03 20.51
C ALA A 198 1.83 8.95 21.65
N ASP A 199 2.54 10.10 21.77
CA ASP A 199 2.10 11.11 22.72
C ASP A 199 0.92 11.91 22.19
N TYR A 200 0.86 12.10 20.89
CA TYR A 200 -0.28 12.67 20.19
C TYR A 200 -0.32 12.04 18.80
N ILE A 201 -1.49 12.11 18.21
CA ILE A 201 -1.80 11.69 16.85
C ILE A 201 -2.15 12.94 16.06
N ALA A 202 -1.50 13.16 14.92
CA ALA A 202 -1.82 14.26 13.98
C ALA A 202 -2.59 13.65 12.81
N ILE A 203 -3.82 14.13 12.62
CA ILE A 203 -4.65 13.69 11.51
C ILE A 203 -4.29 14.56 10.30
N ASN A 204 -3.69 13.95 9.28
CA ASN A 204 -3.27 14.68 8.09
C ASN A 204 -4.38 14.62 7.03
N VAL A 205 -5.18 15.68 6.97
CA VAL A 205 -6.16 15.88 5.91
C VAL A 205 -5.73 17.01 4.96
N SER A 206 -4.43 17.33 4.89
CA SER A 206 -4.01 18.53 4.17
C SER A 206 -2.83 18.37 3.21
N SER A 207 -2.24 17.19 3.08
CA SER A 207 -1.24 17.01 2.04
C SER A 207 -1.83 17.39 0.69
N PRO A 208 -1.13 18.17 -0.14
CA PRO A 208 -1.61 18.41 -1.50
C PRO A 208 -1.27 17.31 -2.49
N ASN A 209 -0.59 16.24 -2.06
CA ASN A 209 0.00 15.28 -3.00
C ASN A 209 -0.68 13.92 -2.97
N THR A 210 -1.77 13.79 -2.24
CA THR A 210 -2.61 12.58 -2.30
C THR A 210 -3.96 13.03 -2.84
N PRO A 211 -4.35 12.58 -4.03
CA PRO A 211 -5.61 13.06 -4.61
C PRO A 211 -6.80 12.90 -3.68
N GLY A 212 -7.59 13.98 -3.58
CA GLY A 212 -8.82 13.96 -2.80
C GLY A 212 -8.65 14.08 -1.31
N LEU A 213 -7.41 14.13 -0.81
CA LEU A 213 -7.23 14.13 0.64
C LEU A 213 -7.76 15.42 1.27
N ARG A 214 -7.48 16.56 0.65
CA ARG A 214 -7.88 17.86 1.19
C ARG A 214 -9.40 18.02 1.22
N ASP A 215 -10.13 17.25 0.41
CA ASP A 215 -11.59 17.30 0.48
C ASP A 215 -12.11 16.89 1.86
N ASN A 216 -11.29 16.18 2.64
CA ASN A 216 -11.68 15.77 3.98
C ASN A 216 -11.67 16.92 4.97
N GLN A 217 -11.24 18.10 4.56
CA GLN A 217 -11.38 19.31 5.37
C GLN A 217 -12.80 19.88 5.33
N GLU A 218 -13.65 19.42 4.42
CA GLU A 218 -15.06 19.80 4.44
C GLU A 218 -15.66 19.42 5.80
N ALA A 219 -16.53 20.28 6.33
CA ALA A 219 -16.90 20.17 7.75
C ALA A 219 -17.53 18.83 8.09
N GLY A 220 -18.48 18.38 7.29
CA GLY A 220 -19.13 17.11 7.60
C GLY A 220 -18.13 15.96 7.64
N LYS A 221 -17.28 15.87 6.62
CA LYS A 221 -16.33 14.76 6.57
C LYS A 221 -15.34 14.86 7.73
N LEU A 222 -14.88 16.07 8.00
CA LEU A 222 -13.87 16.25 9.05
C LEU A 222 -14.44 15.92 10.42
N LYS A 223 -15.70 16.32 10.69
CA LYS A 223 -16.33 15.99 11.95
C LYS A 223 -16.35 14.49 12.15
N ASN A 224 -16.80 13.75 11.14
CA ASN A 224 -16.85 12.30 11.23
C ASN A 224 -15.47 11.69 11.40
N ILE A 225 -14.49 12.23 10.70
CA ILE A 225 -13.10 11.78 10.84
C ILE A 225 -12.61 11.96 12.28
N ILE A 226 -12.78 13.16 12.82
CA ILE A 226 -12.29 13.42 14.17
C ILE A 226 -13.01 12.53 15.18
N LEU A 227 -14.35 12.43 15.10
CA LEU A 227 -15.08 11.63 16.07
C LEU A 227 -14.69 10.16 15.97
N SER A 228 -14.49 9.65 14.75
CA SER A 228 -14.04 8.28 14.55
C SER A 228 -12.66 8.02 15.13
N VAL A 229 -11.72 8.96 14.91
CA VAL A 229 -10.38 8.82 15.46
C VAL A 229 -10.43 8.83 16.99
N LYS A 230 -11.15 9.79 17.57
CA LYS A 230 -11.26 9.87 19.02
C LYS A 230 -11.91 8.62 19.60
N GLU A 231 -12.98 8.13 18.96
CA GLU A 231 -13.60 6.89 19.42
C GLU A 231 -12.62 5.72 19.39
N GLU A 232 -11.87 5.59 18.29
CA GLU A 232 -10.92 4.50 18.20
C GLU A 232 -9.85 4.61 19.27
N ILE A 233 -9.38 5.82 19.52
CA ILE A 233 -8.38 6.01 20.56
C ILE A 233 -8.98 5.65 21.90
N ASP A 234 -10.19 6.16 22.16
CA ASP A 234 -10.84 5.94 23.45
C ASP A 234 -11.10 4.46 23.71
N ASN A 235 -11.28 3.66 22.64
CA ASN A 235 -11.50 2.23 22.74
C ASN A 235 -10.23 1.42 23.00
N LEU A 236 -9.04 1.99 22.76
CA LEU A 236 -7.84 1.22 23.07
C LEU A 236 -7.84 0.76 24.52
N GLU A 237 -8.24 1.64 25.43
CA GLU A 237 -8.41 1.31 26.84
C GLU A 237 -9.33 0.10 27.02
N LYS A 238 -10.54 0.22 26.48
CA LYS A 238 -11.56 -0.82 26.62
C LYS A 238 -11.03 -2.19 26.23
N ASN A 239 -10.13 -2.24 25.25
CA ASN A 239 -9.62 -3.50 24.74
C ASN A 239 -8.11 -3.61 24.93
N PHE A 246 1.13 -2.35 30.91
CA PHE A 246 0.94 -0.89 30.91
C PHE A 246 0.58 -0.42 29.50
N LEU A 247 -0.58 0.23 29.39
CA LEU A 247 -1.13 0.48 28.07
C LEU A 247 -0.33 1.54 27.33
N TRP A 248 -0.08 2.68 27.96
CA TRP A 248 0.48 3.82 27.22
C TRP A 248 1.98 3.70 27.30
N PHE A 249 2.59 3.20 26.22
CA PHE A 249 4.04 3.13 26.14
C PHE A 249 4.55 4.36 25.37
N ASN A 250 4.42 5.50 26.03
CA ASN A 250 4.78 6.77 25.45
C ASN A 250 5.41 7.60 26.55
N THR A 251 5.54 8.89 26.30
CA THR A 251 6.19 9.74 27.28
C THR A 251 5.25 10.07 28.42
N THR A 252 4.02 10.44 28.09
CA THR A 252 3.03 10.97 29.02
C THR A 252 2.44 9.89 29.91
N LYS A 253 2.56 8.63 29.50
CA LYS A 253 1.81 7.51 30.06
C LYS A 253 0.30 7.77 30.05
N LYS A 254 -0.18 8.57 29.10
CA LYS A 254 -1.58 8.87 28.94
C LYS A 254 -2.00 8.66 27.49
N LYS A 255 -3.29 8.56 27.26
CA LYS A 255 -3.82 8.39 25.91
C LYS A 255 -3.35 9.55 25.03
N PRO A 256 -3.02 9.27 23.78
CA PRO A 256 -2.54 10.36 22.90
C PRO A 256 -3.61 11.44 22.73
N LEU A 257 -3.14 12.68 22.75
CA LEU A 257 -3.94 13.81 22.29
C LEU A 257 -4.17 13.70 20.78
N VAL A 258 -5.15 14.45 20.28
CA VAL A 258 -5.50 14.42 18.86
C VAL A 258 -5.38 15.83 18.29
N PHE A 259 -4.52 15.97 17.30
CA PHE A 259 -4.39 17.20 16.53
C PHE A 259 -4.90 17.02 15.09
N VAL A 260 -5.27 18.12 14.44
CA VAL A 260 -5.55 18.10 13.00
C VAL A 260 -4.56 19.05 12.33
N LYS A 261 -3.97 18.62 11.21
CA LYS A 261 -3.11 19.48 10.40
C LYS A 261 -3.91 20.00 9.22
N LEU A 262 -3.94 21.32 9.06
CA LEU A 262 -4.80 22.00 8.09
C LEU A 262 -3.98 22.63 6.98
N ALA A 263 -4.57 22.68 5.80
CA ALA A 263 -3.96 23.30 4.62
C ALA A 263 -4.27 24.78 4.63
N PRO A 264 -3.35 25.63 4.16
CA PRO A 264 -3.64 27.08 4.11
C PRO A 264 -4.51 27.50 2.94
N ASP A 265 -4.78 26.59 2.00
CA ASP A 265 -5.48 26.95 0.77
C ASP A 265 -6.96 26.66 0.92
N LEU A 266 -7.61 27.55 1.69
CA LEU A 266 -9.01 27.45 2.02
C LEU A 266 -9.63 28.84 1.94
N ASN A 267 -10.92 28.91 1.64
CA ASN A 267 -11.63 30.19 1.70
C ASN A 267 -12.16 30.43 3.11
N GLN A 268 -12.76 31.59 3.35
CA GLN A 268 -13.10 31.96 4.73
C GLN A 268 -14.24 31.11 5.27
N GLU A 269 -15.22 30.78 4.43
CA GLU A 269 -16.27 29.87 4.84
C GLU A 269 -15.70 28.56 5.35
N GLN A 270 -14.76 27.99 4.60
CA GLN A 270 -14.20 26.71 4.98
C GLN A 270 -13.45 26.80 6.31
N LYS A 271 -12.65 27.84 6.48
CA LYS A 271 -11.94 28.02 7.74
C LYS A 271 -12.89 28.12 8.94
N LYS A 272 -13.95 28.93 8.81
CA LYS A 272 -14.89 29.09 9.89
C LYS A 272 -15.60 27.77 10.19
N GLU A 273 -15.99 27.03 9.14
CA GLU A 273 -16.69 25.77 9.33
C GLU A 273 -15.78 24.76 10.00
N ILE A 274 -14.51 24.74 9.60
CA ILE A 274 -13.53 23.89 10.29
C ILE A 274 -13.46 24.26 11.76
N ALA A 275 -13.31 25.55 12.05
CA ALA A 275 -13.20 25.98 13.45
C ALA A 275 -14.40 25.51 14.26
N ASP A 276 -15.60 25.63 13.69
CA ASP A 276 -16.80 25.15 14.37
C ASP A 276 -16.70 23.68 14.70
N VAL A 277 -16.26 22.87 13.73
CA VAL A 277 -16.10 21.44 13.94
C VAL A 277 -15.08 21.16 15.04
N LEU A 278 -13.96 21.87 15.03
CA LEU A 278 -12.92 21.63 16.02
C LEU A 278 -13.41 21.93 17.44
N LEU A 279 -14.20 22.98 17.59
CA LEU A 279 -14.81 23.31 18.88
C LEU A 279 -15.79 22.23 19.31
N GLU A 280 -16.68 21.80 18.40
CA GLU A 280 -17.69 20.80 18.75
C GLU A 280 -17.06 19.45 19.09
N THR A 281 -16.03 19.03 18.34
CA THR A 281 -15.39 17.72 18.53
C THR A 281 -14.28 17.70 19.57
N ASN A 282 -13.94 18.84 20.16
CA ASN A 282 -12.96 18.88 21.25
C ASN A 282 -11.58 18.37 20.82
N ILE A 283 -11.14 18.77 19.63
CA ILE A 283 -9.78 18.51 19.17
C ILE A 283 -8.82 19.17 20.17
N ASP A 284 -7.66 18.53 20.39
CA ASP A 284 -6.68 19.02 21.36
C ASP A 284 -5.73 20.08 20.80
N GLY A 285 -5.63 20.19 19.48
CA GLY A 285 -4.70 21.13 18.87
C GLY A 285 -4.89 21.13 17.38
N MET A 286 -4.49 22.23 16.76
CA MET A 286 -4.49 22.31 15.30
C MET A 286 -3.11 22.74 14.82
N ILE A 287 -2.57 22.00 13.85
CA ILE A 287 -1.27 22.29 13.27
C ILE A 287 -1.51 23.19 12.06
N ILE A 288 -1.08 24.45 12.16
CA ILE A 288 -1.32 25.49 11.16
C ILE A 288 0.07 25.91 10.68
N SER A 289 0.49 25.48 9.48
CA SER A 289 -0.27 24.79 8.46
C SER A 289 0.65 23.86 7.67
N ASN A 290 0.05 23.12 6.76
CA ASN A 290 0.78 22.37 5.75
C ASN A 290 1.23 23.31 4.63
N THR A 291 1.75 22.71 3.55
CA THR A 291 2.32 23.45 2.44
C THR A 291 1.20 24.09 1.63
N THR A 292 1.59 25.03 0.76
CA THR A 292 0.65 25.78 -0.04
C THR A 292 0.84 25.51 -1.54
N THR A 293 -0.27 25.49 -2.28
CA THR A 293 -0.22 25.39 -3.73
C THR A 293 -0.37 26.74 -4.42
N GLN A 294 -0.40 27.83 -3.67
CA GLN A 294 -0.78 29.14 -4.21
C GLN A 294 0.41 30.08 -4.39
N ILE A 295 1.64 29.62 -4.18
CA ILE A 295 2.83 30.47 -4.38
C ILE A 295 3.36 30.25 -5.79
N ASN A 296 3.39 31.32 -6.59
CA ASN A 296 3.70 31.27 -8.02
C ASN A 296 4.98 31.98 -8.41
N ASP A 297 5.67 32.67 -7.48
CA ASP A 297 6.78 33.55 -7.83
C ASP A 297 8.15 32.99 -7.42
N ILE A 298 8.35 31.68 -7.48
CA ILE A 298 9.68 31.09 -7.33
C ILE A 298 10.11 30.57 -8.69
N LYS A 299 11.08 31.25 -9.31
CA LYS A 299 11.42 30.96 -10.69
C LYS A 299 11.71 29.48 -10.91
N SER A 300 12.53 28.89 -10.04
CA SER A 300 12.97 27.52 -10.29
C SER A 300 11.86 26.51 -10.09
N PHE A 301 10.72 26.92 -9.52
CA PHE A 301 9.60 26.03 -9.27
C PHE A 301 8.50 26.16 -10.32
N GLU A 302 8.65 27.02 -11.32
CA GLU A 302 7.57 27.20 -12.30
C GLU A 302 7.25 25.87 -12.96
N ASN A 303 5.95 25.55 -13.08
CA ASN A 303 5.44 24.37 -13.76
C ASN A 303 5.64 23.07 -13.00
N LYS A 304 6.04 23.14 -11.74
CA LYS A 304 6.24 21.98 -10.91
C LYS A 304 5.01 21.73 -10.06
N LYS A 305 4.66 20.45 -9.90
CA LYS A 305 3.58 20.05 -9.03
C LYS A 305 4.06 20.09 -7.58
N GLY A 306 3.13 20.33 -6.67
CA GLY A 306 3.36 20.04 -5.28
C GLY A 306 3.13 21.25 -4.39
N GLY A 307 3.38 21.05 -3.11
CA GLY A 307 3.20 22.10 -2.13
C GLY A 307 4.52 22.75 -1.75
N VAL A 308 4.45 24.04 -1.49
CA VAL A 308 5.62 24.85 -1.18
C VAL A 308 5.74 25.04 0.33
N SER A 309 6.95 24.86 0.81
CA SER A 309 7.38 25.05 2.16
C SER A 309 8.39 26.19 2.23
N GLY A 310 8.63 26.67 3.43
CA GLY A 310 9.74 27.58 3.68
C GLY A 310 9.35 29.03 3.83
N ALA A 311 10.36 29.90 3.58
CA ALA A 311 10.21 31.31 3.89
C ALA A 311 9.04 31.93 3.17
N LYS A 312 8.73 31.47 1.96
CA LYS A 312 7.60 32.02 1.23
C LYS A 312 6.26 31.61 1.80
N LEU A 313 6.22 30.64 2.73
CA LEU A 313 4.97 30.23 3.39
C LEU A 313 4.72 30.97 4.70
N LYS A 314 5.71 31.71 5.20
CA LYS A 314 5.57 32.26 6.54
C LYS A 314 4.33 33.17 6.68
N ASP A 315 4.18 34.18 5.81
CA ASP A 315 3.13 35.16 6.06
C ASP A 315 1.74 34.54 5.87
N ILE A 316 1.58 33.71 4.86
CA ILE A 316 0.32 33.00 4.65
C ILE A 316 -0.05 32.20 5.91
N SER A 317 0.90 31.48 6.47
CA SER A 317 0.58 30.58 7.57
C SER A 317 0.42 31.34 8.88
N THR A 318 1.19 32.42 9.09
CA THR A 318 0.96 33.24 10.28
C THR A 318 -0.42 33.88 10.25
N LYS A 319 -0.85 34.40 9.10
CA LYS A 319 -2.18 34.98 8.99
C LYS A 319 -3.26 33.94 9.28
N PHE A 320 -3.05 32.72 8.79
CA PHE A 320 -3.96 31.62 9.03
C PHE A 320 -4.03 31.29 10.53
N ILE A 321 -2.89 31.38 11.24
CA ILE A 321 -2.91 31.20 12.69
C ILE A 321 -3.82 32.25 13.33
N CYS A 322 -3.66 33.51 12.95
CA CYS A 322 -4.50 34.57 13.53
C CYS A 322 -5.98 34.31 13.25
N GLU A 323 -6.30 33.89 12.04
CA GLU A 323 -7.69 33.62 11.69
C GLU A 323 -8.26 32.50 12.54
N MET A 324 -7.56 31.37 12.63
CA MET A 324 -8.12 30.22 13.33
C MET A 324 -8.13 30.44 14.83
N TYR A 325 -7.14 31.15 15.37
CA TYR A 325 -7.16 31.48 16.79
C TYR A 325 -8.43 32.25 17.12
N ASN A 326 -8.85 33.14 16.23
CA ASN A 326 -10.06 33.90 16.49
C ASN A 326 -11.32 33.10 16.19
N TYR A 327 -11.32 32.32 15.11
CA TYR A 327 -12.52 31.55 14.78
C TYR A 327 -12.84 30.51 15.85
N THR A 328 -11.82 29.99 16.51
CA THR A 328 -11.99 29.02 17.60
C THR A 328 -12.00 29.69 18.97
N ASN A 329 -12.04 31.00 19.01
CA ASN A 329 -12.19 31.76 20.27
C ASN A 329 -11.11 31.42 21.29
N LYS A 330 -9.90 31.17 20.78
CA LYS A 330 -8.72 30.89 21.59
C LYS A 330 -8.83 29.59 22.37
N GLN A 331 -9.76 28.70 22.02
CA GLN A 331 -10.00 27.50 22.80
C GLN A 331 -9.20 26.28 22.32
N ILE A 332 -8.54 26.38 21.17
CA ILE A 332 -7.88 25.24 20.57
C ILE A 332 -6.40 25.59 20.41
N PRO A 333 -5.51 24.95 21.16
CA PRO A 333 -4.09 25.24 21.01
C PRO A 333 -3.60 25.07 19.59
N ILE A 334 -2.60 25.85 19.26
CA ILE A 334 -2.06 25.89 17.91
C ILE A 334 -0.61 25.45 17.88
N ILE A 335 -0.30 24.58 16.94
CA ILE A 335 1.06 24.15 16.65
C ILE A 335 1.44 24.85 15.36
N ALA A 336 2.47 25.71 15.39
CA ALA A 336 2.82 26.50 14.21
C ALA A 336 3.76 25.73 13.30
N SER A 337 3.44 25.75 12.00
CA SER A 337 4.31 25.24 10.95
C SER A 337 4.23 26.19 9.75
N GLY A 338 5.39 26.63 9.26
CA GLY A 338 5.43 27.40 8.04
C GLY A 338 6.40 28.56 8.07
N GLY A 339 7.57 28.37 7.44
CA GLY A 339 8.52 29.45 7.26
C GLY A 339 9.20 29.94 8.53
N ILE A 340 9.32 29.09 9.54
CA ILE A 340 9.98 29.46 10.79
C ILE A 340 11.48 29.20 10.66
N PHE A 341 12.27 30.27 10.66
CA PHE A 341 13.73 30.14 10.63
C PHE A 341 14.46 30.82 11.78
N SER A 342 13.93 31.89 12.32
CA SER A 342 14.60 32.67 13.33
C SER A 342 13.78 32.73 14.61
N GLY A 343 14.44 33.13 15.69
CA GLY A 343 13.72 33.44 16.91
C GLY A 343 12.58 34.44 16.68
N LEU A 344 12.81 35.42 15.82
CA LEU A 344 11.77 36.40 15.51
C LEU A 344 10.58 35.75 14.82
N ASP A 345 10.85 34.89 13.84
CA ASP A 345 9.77 34.16 13.21
C ASP A 345 8.99 33.38 14.26
N ALA A 346 9.70 32.75 15.19
CA ALA A 346 9.02 31.95 16.20
C ALA A 346 8.13 32.82 17.06
N LEU A 347 8.60 34.02 17.43
CA LEU A 347 7.81 34.87 18.29
C LEU A 347 6.61 35.41 17.55
N GLU A 348 6.73 35.64 16.23
CA GLU A 348 5.58 36.03 15.42
C GLU A 348 4.49 34.97 15.49
N LYS A 349 4.89 33.70 15.36
CA LYS A 349 3.92 32.60 15.43
C LYS A 349 3.26 32.51 16.80
N ILE A 350 4.08 32.63 17.85
CA ILE A 350 3.56 32.55 19.23
C ILE A 350 2.61 33.72 19.53
N GLU A 351 3.01 34.94 19.17
CA GLU A 351 2.16 36.09 19.42
C GLU A 351 0.89 36.05 18.59
N ALA A 352 0.93 35.35 17.46
CA ALA A 352 -0.25 35.19 16.64
C ALA A 352 -1.22 34.17 17.21
N GLY A 353 -0.75 33.33 18.15
CA GLY A 353 -1.59 32.37 18.80
C GLY A 353 -1.03 30.97 18.99
N ALA A 354 0.18 30.70 18.50
CA ALA A 354 0.74 29.37 18.63
C ALA A 354 1.37 29.17 20.00
N SER A 355 1.23 27.94 20.51
CA SER A 355 1.87 27.49 21.73
C SER A 355 3.25 26.87 21.51
N VAL A 356 3.51 26.33 20.31
CA VAL A 356 4.72 25.58 20.04
C VAL A 356 4.93 25.66 18.55
N CYS A 357 6.18 25.44 18.12
CA CYS A 357 6.62 25.62 16.75
C CYS A 357 7.24 24.34 16.20
N GLN A 358 6.97 24.05 14.93
CA GLN A 358 7.64 22.98 14.20
C GLN A 358 8.51 23.55 13.08
N LEU A 359 9.71 22.97 12.92
CA LEU A 359 10.64 23.32 11.86
C LEU A 359 10.71 22.19 10.84
N TYR A 360 10.97 22.57 9.59
CA TYR A 360 11.33 21.61 8.56
C TYR A 360 12.33 22.30 7.63
N SER A 361 11.87 23.27 6.86
CA SER A 361 12.76 24.02 5.98
C SER A 361 13.96 24.57 6.72
N CYS A 362 13.79 25.01 7.97
CA CYS A 362 14.93 25.54 8.71
C CYS A 362 16.00 24.47 8.91
N LEU A 363 15.59 23.24 9.17
CA LEU A 363 16.57 22.19 9.35
C LEU A 363 17.28 21.89 8.04
N VAL A 364 16.57 22.00 6.91
CA VAL A 364 17.20 21.79 5.61
C VAL A 364 18.24 22.88 5.32
N PHE A 365 17.88 24.14 5.52
CA PHE A 365 18.76 25.22 5.07
C PHE A 365 19.79 25.65 6.13
N ASN A 366 19.51 25.43 7.41
CA ASN A 366 20.44 25.78 8.49
C ASN A 366 21.16 24.58 9.10
N GLY A 367 20.62 23.38 8.95
CA GLY A 367 21.33 22.17 9.32
C GLY A 367 21.44 21.96 10.82
N MET A 368 22.59 21.39 11.22
CA MET A 368 22.71 20.79 12.55
C MET A 368 22.46 21.80 13.66
N LYS A 369 22.73 23.07 13.41
CA LYS A 369 22.67 24.10 14.42
C LYS A 369 21.27 24.66 14.60
N SER A 370 20.29 24.16 13.85
CA SER A 370 18.98 24.81 13.77
C SER A 370 18.38 25.03 15.15
N ALA A 371 18.29 23.97 15.94
CA ALA A 371 17.62 24.07 17.23
C ALA A 371 18.42 24.91 18.22
N VAL A 372 19.74 24.74 18.27
CA VAL A 372 20.51 25.53 19.22
C VAL A 372 20.39 27.01 18.92
N GLN A 373 20.49 27.36 17.63
CA GLN A 373 20.48 28.76 17.24
C GLN A 373 19.12 29.39 17.51
N ILE A 374 18.04 28.72 17.09
CA ILE A 374 16.73 29.36 17.22
C ILE A 374 16.30 29.46 18.68
N LYS A 375 16.67 28.48 19.53
CA LYS A 375 16.37 28.60 20.95
C LYS A 375 17.06 29.80 21.56
N ARG A 376 18.31 30.02 21.17
CA ARG A 376 19.07 31.15 21.69
C ARG A 376 18.43 32.45 21.26
N GLU A 377 18.06 32.54 19.99
CA GLU A 377 17.45 33.77 19.47
C GLU A 377 16.15 34.07 20.20
N LEU A 378 15.29 33.05 20.36
CA LEU A 378 14.01 33.28 21.03
C LEU A 378 14.21 33.71 22.48
N ASN A 379 15.12 33.06 23.20
CA ASN A 379 15.37 33.45 24.59
C ASN A 379 15.81 34.92 24.67
N HIS A 380 16.70 35.33 23.77
CA HIS A 380 17.11 36.73 23.84
C HIS A 380 15.95 37.66 23.54
N LEU A 381 15.09 37.26 22.60
CA LEU A 381 13.94 38.09 22.22
C LEU A 381 12.93 38.19 23.37
N LEU A 382 12.75 37.10 24.13
CA LEU A 382 11.87 37.16 25.28
C LEU A 382 12.44 38.07 26.36
N TYR A 383 13.76 38.03 26.56
CA TYR A 383 14.41 39.01 27.44
C TYR A 383 14.16 40.43 26.95
N GLN A 384 14.41 40.67 25.65
CA GLN A 384 14.35 42.03 25.11
C GLN A 384 12.93 42.58 25.14
N ARG A 385 11.93 41.72 24.94
CA ARG A 385 10.56 42.16 24.81
C ARG A 385 9.87 42.31 26.15
N GLY A 386 10.49 41.86 27.25
CA GLY A 386 9.96 42.03 28.57
C GLY A 386 9.12 40.89 29.10
N TYR A 387 9.01 39.79 28.35
CA TYR A 387 8.19 38.68 28.79
C TYR A 387 8.83 37.99 29.98
N TYR A 388 7.98 37.58 30.93
CA TYR A 388 8.47 36.72 32.00
C TYR A 388 8.74 35.33 31.47
N ASN A 389 7.85 34.80 30.64
CA ASN A 389 8.10 33.52 30.04
C ASN A 389 7.40 33.47 28.68
N LEU A 390 7.60 32.34 28.00
CA LEU A 390 7.02 32.16 26.66
C LEU A 390 5.51 32.10 26.72
N LYS A 391 4.97 31.46 27.74
CA LYS A 391 3.52 31.31 27.83
C LYS A 391 2.81 32.66 27.88
N GLU A 392 3.46 33.67 28.47
CA GLU A 392 2.90 35.02 28.51
C GLU A 392 2.74 35.62 27.12
N ALA A 393 3.52 35.16 26.15
CA ALA A 393 3.49 35.72 24.81
C ALA A 393 2.42 35.12 23.92
N ILE A 394 1.86 33.96 24.28
CA ILE A 394 0.95 33.25 23.37
C ILE A 394 -0.27 34.12 23.10
N GLY A 395 -0.51 34.39 21.81
CA GLY A 395 -1.66 35.16 21.39
C GLY A 395 -1.63 36.63 21.76
N ARG A 396 -0.47 37.19 22.11
CA ARG A 396 -0.46 38.57 22.60
C ARG A 396 -0.80 39.59 21.52
N LYS A 397 -0.67 39.23 20.25
CA LYS A 397 -1.09 40.11 19.16
C LYS A 397 -2.60 40.39 19.19
N HIS A 398 -3.38 39.60 19.93
CA HIS A 398 -4.83 39.75 19.93
C HIS A 398 -5.35 40.37 21.24
N HIS B 6 -28.41 -34.60 -19.00
CA HIS B 6 -27.74 -33.26 -18.96
C HIS B 6 -28.13 -32.45 -20.20
N HIS B 7 -29.43 -32.47 -20.49
CA HIS B 7 -29.99 -31.65 -21.56
C HIS B 7 -30.06 -30.21 -21.05
N HIS B 8 -29.27 -29.33 -21.69
CA HIS B 8 -29.12 -27.96 -21.23
C HIS B 8 -30.45 -27.23 -21.14
N ALA B 9 -31.43 -27.65 -21.94
CA ALA B 9 -32.66 -26.89 -22.07
C ALA B 9 -33.42 -26.76 -20.74
N GLU B 10 -33.19 -27.69 -19.81
CA GLU B 10 -33.81 -27.59 -18.49
C GLU B 10 -33.35 -26.33 -17.74
N ASN B 11 -32.05 -25.98 -17.86
CA ASN B 11 -31.51 -24.76 -17.25
C ASN B 11 -31.56 -23.61 -18.25
N GLU B 21 -28.08 -24.39 -29.26
CA GLU B 21 -27.94 -25.82 -29.00
C GLU B 21 -26.47 -26.18 -28.72
N SER B 22 -25.71 -26.59 -29.74
CA SER B 22 -24.34 -27.06 -29.51
C SER B 22 -23.44 -25.97 -28.95
N TYR B 23 -23.77 -24.69 -29.18
CA TYR B 23 -23.00 -23.61 -28.60
C TYR B 23 -23.23 -23.45 -27.10
N ASN B 24 -24.18 -24.19 -26.53
CA ASN B 24 -24.48 -24.04 -25.09
C ASN B 24 -23.46 -24.82 -24.27
N PRO B 25 -22.75 -24.19 -23.32
CA PRO B 25 -21.74 -24.95 -22.57
C PRO B 25 -22.27 -26.18 -21.84
N GLU B 26 -23.58 -26.24 -21.58
CA GLU B 26 -24.19 -27.39 -20.91
C GLU B 26 -24.76 -28.42 -21.87
N PHE B 27 -24.55 -28.24 -23.19
CA PHE B 27 -25.04 -29.18 -24.18
C PHE B 27 -24.61 -30.59 -23.82
N PHE B 28 -25.57 -31.52 -23.80
CA PHE B 28 -25.34 -32.79 -23.12
C PHE B 28 -24.13 -33.53 -23.69
N LEU B 29 -23.80 -33.31 -24.96
CA LEU B 29 -22.71 -34.09 -25.56
C LEU B 29 -21.36 -33.76 -24.93
N TYR B 30 -21.20 -32.56 -24.37
CA TYR B 30 -19.89 -32.21 -23.81
C TYR B 30 -19.52 -33.11 -22.65
N ASP B 31 -20.48 -33.42 -21.76
CA ASP B 31 -20.18 -34.27 -20.61
C ASP B 31 -19.82 -35.68 -21.05
N ILE B 32 -20.50 -36.16 -22.10
CA ILE B 32 -20.25 -37.50 -22.62
C ILE B 32 -18.85 -37.57 -23.22
N PHE B 33 -18.48 -36.58 -24.03
CA PHE B 33 -17.12 -36.54 -24.56
C PHE B 33 -16.09 -36.44 -23.44
N LEU B 34 -16.36 -35.60 -22.44
CA LEU B 34 -15.40 -35.42 -21.36
C LEU B 34 -15.23 -36.70 -20.55
N LYS B 35 -16.34 -37.35 -20.20
CA LYS B 35 -16.24 -38.61 -19.47
C LYS B 35 -15.34 -39.60 -20.21
N PHE B 36 -15.53 -39.68 -21.53
CA PHE B 36 -14.71 -40.57 -22.35
C PHE B 36 -13.25 -40.15 -22.32
N CYS B 37 -13.00 -38.86 -22.52
CA CYS B 37 -11.63 -38.36 -22.51
C CYS B 37 -10.94 -38.65 -21.19
N LEU B 38 -11.62 -38.40 -20.07
CA LEU B 38 -11.01 -38.62 -18.77
C LEU B 38 -10.69 -40.08 -18.54
N LYS B 39 -11.41 -40.99 -19.21
CA LYS B 39 -11.13 -42.40 -19.05
C LYS B 39 -10.04 -42.90 -20.01
N TYR B 40 -10.02 -42.40 -21.25
CA TYR B 40 -9.25 -43.04 -22.30
C TYR B 40 -8.20 -42.19 -23.01
N ILE B 41 -8.17 -40.87 -22.81
CA ILE B 41 -7.29 -40.01 -23.59
C ILE B 41 -6.28 -39.35 -22.65
N ASP B 42 -5.02 -39.32 -23.09
CA ASP B 42 -3.95 -38.73 -22.31
C ASP B 42 -4.30 -37.29 -21.94
N GLY B 43 -3.89 -36.89 -20.72
CA GLY B 43 -4.23 -35.56 -20.24
C GLY B 43 -3.70 -34.47 -21.15
N GLU B 44 -2.44 -34.58 -21.57
CA GLU B 44 -1.88 -33.51 -22.39
C GLU B 44 -2.54 -33.48 -23.76
N ILE B 45 -2.97 -34.64 -24.28
CA ILE B 45 -3.74 -34.66 -25.52
C ILE B 45 -5.10 -34.00 -25.31
N CYS B 46 -5.77 -34.30 -24.21
CA CYS B 46 -7.03 -33.64 -23.91
C CYS B 46 -6.85 -32.12 -23.88
N HIS B 47 -5.78 -31.65 -23.26
CA HIS B 47 -5.56 -30.22 -23.15
C HIS B 47 -5.29 -29.62 -24.53
N ASP B 48 -4.46 -30.28 -25.36
CA ASP B 48 -4.22 -29.81 -26.71
C ASP B 48 -5.51 -29.74 -27.51
N LEU B 49 -6.37 -30.74 -27.35
CA LEU B 49 -7.66 -30.74 -28.05
C LEU B 49 -8.48 -29.53 -27.63
N PHE B 50 -8.54 -29.25 -26.33
CA PHE B 50 -9.25 -28.07 -25.84
C PHE B 50 -8.71 -26.80 -26.46
N LEU B 51 -7.38 -26.62 -26.45
CA LEU B 51 -6.82 -25.40 -27.00
C LEU B 51 -7.04 -25.29 -28.50
N LEU B 52 -7.12 -26.42 -29.20
CA LEU B 52 -7.40 -26.41 -30.62
C LEU B 52 -8.83 -25.95 -30.89
N LEU B 53 -9.79 -26.46 -30.11
CA LEU B 53 -11.14 -25.93 -30.20
C LEU B 53 -11.18 -24.43 -29.96
N GLY B 54 -10.45 -23.96 -28.96
CA GLY B 54 -10.47 -22.54 -28.66
C GLY B 54 -9.82 -21.71 -29.75
N LYS B 55 -8.69 -22.18 -30.28
CA LYS B 55 -8.00 -21.45 -31.34
C LYS B 55 -8.89 -21.26 -32.57
N TYR B 56 -9.71 -22.25 -32.89
CA TYR B 56 -10.64 -22.15 -34.01
C TYR B 56 -11.99 -21.60 -33.60
N ASN B 57 -12.10 -21.11 -32.36
CA ASN B 57 -13.28 -20.37 -31.90
C ASN B 57 -14.55 -21.20 -32.04
N ILE B 58 -14.45 -22.48 -31.75
CA ILE B 58 -15.59 -23.38 -31.77
C ILE B 58 -15.83 -24.01 -30.40
N LEU B 59 -15.37 -23.38 -29.33
CA LEU B 59 -15.86 -23.74 -28.02
C LEU B 59 -17.28 -23.17 -27.85
N PRO B 60 -18.09 -23.79 -27.01
CA PRO B 60 -19.37 -23.17 -26.63
C PRO B 60 -19.13 -21.89 -25.86
N TYR B 61 -20.21 -21.13 -25.64
CA TYR B 61 -20.09 -19.84 -24.98
C TYR B 61 -21.36 -19.50 -24.23
N ASP B 62 -21.19 -18.75 -23.14
CA ASP B 62 -22.26 -18.33 -22.25
C ASP B 62 -22.83 -16.98 -22.69
N THR B 63 -21.98 -15.95 -22.71
CA THR B 63 -22.22 -14.57 -23.15
C THR B 63 -23.49 -13.90 -22.62
N SER B 64 -24.24 -14.56 -21.74
CA SER B 64 -25.36 -13.94 -21.05
C SER B 64 -24.86 -13.04 -19.92
N ASN B 65 -25.64 -11.99 -19.62
CA ASN B 65 -25.26 -11.07 -18.55
C ASN B 65 -25.22 -11.78 -17.20
N ASP B 66 -24.17 -11.53 -16.45
CA ASP B 66 -23.98 -12.07 -15.10
C ASP B 66 -24.70 -11.21 -14.06
N SER B 67 -24.92 -11.80 -12.88
CA SER B 67 -25.57 -11.09 -11.79
C SER B 67 -24.73 -9.91 -11.30
N ILE B 68 -25.35 -8.73 -11.21
CA ILE B 68 -24.58 -7.60 -10.71
C ILE B 68 -24.26 -7.75 -9.23
N TYR B 69 -24.97 -8.63 -8.53
CA TYR B 69 -24.73 -8.86 -7.11
C TYR B 69 -23.62 -9.86 -6.84
N ALA B 70 -22.99 -10.40 -7.87
CA ALA B 70 -21.82 -11.24 -7.70
C ALA B 70 -20.60 -10.62 -8.36
N CYS B 71 -20.66 -9.35 -8.77
CA CYS B 71 -19.43 -8.72 -9.19
CA CYS B 71 -19.46 -8.62 -9.17
C CYS B 71 -18.52 -8.48 -7.99
N THR B 72 -17.23 -8.29 -8.28
CA THR B 72 -16.26 -8.11 -7.20
C THR B 72 -15.13 -7.28 -7.75
N ASN B 73 -14.29 -6.78 -6.85
CA ASN B 73 -13.17 -5.98 -7.30
C ASN B 73 -11.95 -6.21 -6.45
N ILE B 74 -10.79 -5.96 -7.05
CA ILE B 74 -9.50 -5.82 -6.36
C ILE B 74 -8.95 -4.50 -6.85
N LYS B 75 -8.85 -3.52 -5.94
CA LYS B 75 -8.51 -2.15 -6.32
C LYS B 75 -9.41 -1.76 -7.50
N HIS B 76 -8.85 -1.28 -8.59
CA HIS B 76 -9.62 -0.78 -9.74
C HIS B 76 -9.96 -1.88 -10.74
N LEU B 77 -9.62 -3.12 -10.45
CA LEU B 77 -10.02 -4.25 -11.28
C LEU B 77 -11.46 -4.60 -10.93
N ASP B 78 -12.36 -4.38 -11.87
CA ASP B 78 -13.80 -4.63 -11.70
C ASP B 78 -14.15 -5.92 -12.41
N PHE B 79 -14.19 -7.01 -11.66
CA PHE B 79 -14.50 -8.32 -12.23
C PHE B 79 -16.01 -8.46 -12.44
N ILE B 80 -16.42 -8.86 -13.65
CA ILE B 80 -17.86 -8.92 -13.92
C ILE B 80 -18.52 -10.07 -13.17
N ASN B 81 -17.72 -11.05 -12.76
CA ASN B 81 -18.17 -12.15 -11.92
C ASN B 81 -16.94 -12.67 -11.21
N PRO B 82 -17.09 -13.55 -10.25
CA PRO B 82 -15.94 -13.84 -9.39
C PRO B 82 -15.10 -15.03 -9.81
N PHE B 83 -15.20 -15.48 -11.07
CA PHE B 83 -14.52 -16.70 -11.48
C PHE B 83 -13.58 -16.46 -12.64
N GLY B 84 -12.31 -16.76 -12.43
CA GLY B 84 -11.32 -16.73 -13.49
C GLY B 84 -10.69 -18.09 -13.69
N VAL B 85 -9.89 -18.19 -14.74
CA VAL B 85 -9.06 -19.35 -15.00
C VAL B 85 -7.66 -19.06 -14.51
N ALA B 86 -7.14 -19.94 -13.66
CA ALA B 86 -5.83 -19.85 -13.05
C ALA B 86 -4.72 -19.99 -14.10
N ALA B 87 -3.52 -19.58 -13.68
CA ALA B 87 -2.33 -19.76 -14.51
C ALA B 87 -2.03 -21.23 -14.81
N GLY B 88 -1.33 -21.44 -15.93
CA GLY B 88 -0.95 -22.77 -16.36
C GLY B 88 -1.97 -23.46 -17.22
N PHE B 89 -3.07 -22.79 -17.55
CA PHE B 89 -4.12 -23.40 -18.35
C PHE B 89 -3.94 -23.01 -19.81
N ASP B 90 -3.99 -21.70 -20.09
CA ASP B 90 -3.57 -21.16 -21.39
C ASP B 90 -2.22 -20.47 -21.16
N LYS B 91 -1.18 -21.29 -21.06
CA LYS B 91 0.16 -20.77 -20.76
C LYS B 91 0.59 -19.72 -21.79
N ASN B 92 0.27 -19.93 -23.05
CA ASN B 92 0.77 -19.12 -24.14
C ASN B 92 -0.23 -18.07 -24.64
N GLY B 93 -1.38 -17.92 -24.00
CA GLY B 93 -2.35 -16.93 -24.45
C GLY B 93 -2.86 -17.15 -25.85
N VAL B 94 -3.11 -18.41 -26.22
CA VAL B 94 -3.51 -18.74 -27.59
C VAL B 94 -5.00 -18.87 -27.68
N CYS B 95 -5.68 -18.78 -26.58
CA CYS B 95 -7.05 -19.23 -26.42
C CYS B 95 -7.85 -18.27 -25.55
N ILE B 96 -7.41 -17.02 -25.41
CA ILE B 96 -7.95 -16.16 -24.35
C ILE B 96 -9.44 -15.89 -24.59
N ASP B 97 -9.78 -15.43 -25.79
CA ASP B 97 -11.18 -15.06 -26.06
C ASP B 97 -12.11 -16.24 -25.79
N SER B 98 -11.77 -17.40 -26.35
CA SER B 98 -12.65 -18.56 -26.25
C SER B 98 -12.81 -19.03 -24.81
N ILE B 99 -11.73 -19.00 -24.01
CA ILE B 99 -11.85 -19.42 -22.62
C ILE B 99 -12.71 -18.44 -21.85
N LEU B 100 -12.48 -17.14 -22.03
CA LEU B 100 -13.32 -16.15 -21.36
C LEU B 100 -14.80 -16.34 -21.70
N LYS B 101 -15.10 -16.59 -22.97
CA LYS B 101 -16.49 -16.68 -23.39
C LYS B 101 -17.20 -17.92 -22.85
N LEU B 102 -16.50 -18.88 -22.24
CA LEU B 102 -17.19 -19.91 -21.47
C LEU B 102 -17.95 -19.34 -20.27
N GLY B 103 -17.62 -18.13 -19.83
CA GLY B 103 -18.35 -17.48 -18.74
C GLY B 103 -17.44 -16.94 -17.65
N PHE B 104 -16.13 -16.95 -17.87
CA PHE B 104 -15.19 -16.45 -16.88
C PHE B 104 -14.98 -14.96 -17.02
N SER B 105 -14.68 -14.32 -15.90
CA SER B 105 -14.47 -12.87 -15.90
C SER B 105 -13.03 -12.50 -16.18
N PHE B 106 -12.11 -13.45 -16.01
CA PHE B 106 -10.70 -13.18 -16.25
C PHE B 106 -9.94 -14.48 -16.46
N ILE B 107 -8.73 -14.33 -16.98
CA ILE B 107 -7.79 -15.43 -17.10
C ILE B 107 -6.40 -14.92 -16.77
N GLU B 108 -5.61 -15.76 -16.14
CA GLU B 108 -4.19 -15.48 -15.90
C GLU B 108 -3.39 -16.36 -16.85
N ILE B 109 -2.79 -15.75 -17.87
CA ILE B 109 -1.96 -16.49 -18.80
C ILE B 109 -0.55 -16.64 -18.22
N GLY B 110 0.27 -17.45 -18.87
CA GLY B 110 1.54 -17.84 -18.26
C GLY B 110 1.38 -19.09 -17.40
N THR B 111 2.38 -19.41 -16.58
CA THR B 111 3.57 -18.62 -16.32
C THR B 111 4.47 -18.59 -17.54
N ILE B 112 4.89 -17.38 -17.92
CA ILE B 112 5.85 -17.20 -18.98
C ILE B 112 7.25 -16.98 -18.42
N THR B 113 8.24 -17.22 -19.26
CA THR B 113 9.65 -16.99 -18.99
C THR B 113 10.24 -16.20 -20.16
N PRO B 114 11.37 -15.52 -19.95
CA PRO B 114 11.91 -14.68 -21.05
C PRO B 114 12.10 -15.42 -22.36
N ARG B 115 12.80 -16.54 -22.34
CA ARG B 115 12.95 -17.43 -23.48
C ARG B 115 11.95 -18.56 -23.35
N GLY B 116 11.51 -19.10 -24.48
CA GLY B 116 10.67 -20.29 -24.44
C GLY B 116 11.40 -21.46 -23.82
N GLN B 117 10.63 -22.43 -23.32
CA GLN B 117 11.27 -23.70 -22.96
C GLN B 117 10.25 -24.82 -22.98
N THR B 118 10.77 -26.05 -23.17
CA THR B 118 9.87 -27.19 -23.32
C THR B 118 9.47 -27.82 -21.98
N GLY B 119 10.14 -27.48 -20.88
CA GLY B 119 9.75 -28.00 -19.57
C GLY B 119 10.35 -29.35 -19.27
N ASN B 120 9.82 -30.01 -18.23
CA ASN B 120 10.40 -31.23 -17.74
C ASN B 120 9.96 -32.41 -18.61
N ALA B 121 10.67 -33.53 -18.45
CA ALA B 121 10.41 -34.70 -19.26
C ALA B 121 9.01 -35.22 -19.00
N LYS B 122 8.38 -35.73 -20.05
CA LYS B 122 7.09 -36.41 -19.98
C LYS B 122 7.28 -37.90 -19.73
N PRO B 123 6.26 -38.58 -19.15
CA PRO B 123 4.97 -38.01 -18.72
C PRO B 123 5.14 -37.17 -17.48
N ARG B 124 4.34 -36.12 -17.35
CA ARG B 124 4.53 -35.18 -16.24
C ARG B 124 3.19 -34.65 -15.72
N ILE B 125 2.08 -35.16 -16.23
CA ILE B 125 0.76 -34.74 -15.80
C ILE B 125 -0.09 -36.00 -15.67
N PHE B 126 -0.74 -36.16 -14.52
CA PHE B 126 -1.61 -37.29 -14.28
C PHE B 126 -2.84 -36.83 -13.51
N ARG B 127 -4.00 -37.37 -13.90
CA ARG B 127 -5.26 -37.03 -13.28
C ARG B 127 -5.80 -38.23 -12.52
N ASP B 128 -6.47 -37.95 -11.41
CA ASP B 128 -7.24 -38.94 -10.66
C ASP B 128 -8.70 -38.46 -10.61
N VAL B 129 -9.55 -39.04 -11.46
CA VAL B 129 -10.94 -38.61 -11.55
C VAL B 129 -11.66 -38.85 -10.22
N GLU B 130 -11.38 -39.98 -9.57
CA GLU B 130 -12.13 -40.37 -8.37
C GLU B 130 -12.00 -39.31 -7.29
N SER B 131 -10.79 -38.79 -7.07
CA SER B 131 -10.52 -37.77 -6.06
C SER B 131 -10.49 -36.35 -6.63
N ARG B 132 -10.72 -36.19 -7.93
CA ARG B 132 -10.74 -34.88 -8.59
C ARG B 132 -9.42 -34.14 -8.36
N SER B 133 -8.33 -34.86 -8.54
CA SER B 133 -7.00 -34.38 -8.27
C SER B 133 -6.12 -34.48 -9.51
N ILE B 134 -5.11 -33.63 -9.56
CA ILE B 134 -4.12 -33.64 -10.62
C ILE B 134 -2.76 -33.51 -9.97
N ILE B 135 -1.76 -34.16 -10.55
CA ILE B 135 -0.36 -33.91 -10.18
C ILE B 135 0.40 -33.54 -11.45
N ASN B 136 1.26 -32.53 -11.36
CA ASN B 136 2.01 -32.08 -12.52
C ASN B 136 3.43 -31.75 -12.13
N SER B 137 4.35 -32.01 -13.07
CA SER B 137 5.74 -31.54 -13.00
C SER B 137 6.13 -30.85 -14.31
N CYS B 138 5.33 -29.88 -14.76
CA CYS B 138 5.53 -29.31 -16.10
C CYS B 138 6.88 -28.61 -16.24
N GLY B 139 7.22 -27.72 -15.33
CA GLY B 139 8.45 -26.98 -15.41
C GLY B 139 8.44 -25.74 -16.29
N PHE B 140 7.36 -24.97 -16.23
CA PHE B 140 7.22 -23.72 -16.99
C PHE B 140 7.46 -23.92 -18.49
N ASN B 141 6.78 -24.90 -19.07
CA ASN B 141 6.85 -25.02 -20.53
C ASN B 141 6.01 -23.90 -21.14
N ASN B 142 6.63 -23.09 -22.00
CA ASN B 142 5.93 -21.99 -22.64
C ASN B 142 6.73 -21.53 -23.85
N MET B 143 6.08 -20.71 -24.68
CA MET B 143 6.69 -20.25 -25.91
C MET B 143 7.64 -19.09 -25.70
N GLY B 144 7.67 -18.55 -24.50
CA GLY B 144 8.56 -17.45 -24.19
C GLY B 144 7.82 -16.11 -24.25
N CYS B 145 8.33 -15.15 -23.48
CA CYS B 145 7.67 -13.87 -23.30
C CYS B 145 7.37 -13.16 -24.62
N ASP B 146 8.31 -13.17 -25.54
CA ASP B 146 8.11 -12.38 -26.76
C ASP B 146 6.96 -12.92 -27.60
N LYS B 147 6.88 -14.24 -27.76
CA LYS B 147 5.79 -14.84 -28.52
C LYS B 147 4.46 -14.64 -27.81
N VAL B 148 4.46 -14.85 -26.49
CA VAL B 148 3.20 -14.73 -25.76
C VAL B 148 2.71 -13.29 -25.84
N THR B 149 3.63 -12.32 -25.82
CA THR B 149 3.25 -10.92 -25.96
C THR B 149 2.54 -10.68 -27.30
N GLU B 150 3.08 -11.24 -28.39
CA GLU B 150 2.39 -11.16 -29.69
C GLU B 150 0.94 -11.62 -29.58
N ASN B 151 0.73 -12.77 -28.92
CA ASN B 151 -0.60 -13.35 -28.80
C ASN B 151 -1.52 -12.43 -27.98
N LEU B 152 -0.99 -11.88 -26.89
CA LEU B 152 -1.80 -11.00 -26.06
C LEU B 152 -2.11 -9.70 -26.80
N ILE B 153 -1.16 -9.19 -27.59
CA ILE B 153 -1.43 -7.97 -28.36
C ILE B 153 -2.59 -8.21 -29.33
N LEU B 154 -2.61 -9.37 -29.99
CA LEU B 154 -3.70 -9.70 -30.88
C LEU B 154 -5.01 -9.74 -30.11
N PHE B 155 -5.01 -10.32 -28.91
CA PHE B 155 -6.21 -10.28 -28.10
C PHE B 155 -6.63 -8.86 -27.80
N ARG B 156 -5.71 -8.02 -27.33
CA ARG B 156 -6.08 -6.64 -27.00
C ARG B 156 -6.67 -5.91 -28.22
N LYS B 157 -6.17 -6.23 -29.41
CA LYS B 157 -6.67 -5.55 -30.60
C LYS B 157 -8.09 -6.01 -30.93
N ARG B 158 -8.38 -7.29 -30.75
CA ARG B 158 -9.74 -7.78 -30.91
C ARG B 158 -10.65 -7.23 -29.83
N GLN B 159 -10.15 -7.15 -28.60
CA GLN B 159 -10.96 -6.63 -27.50
C GLN B 159 -11.40 -5.21 -27.79
N GLU B 160 -10.51 -4.41 -28.39
CA GLU B 160 -10.80 -3.01 -28.66
C GLU B 160 -11.96 -2.85 -29.63
N GLU B 161 -12.24 -3.87 -30.44
CA GLU B 161 -13.29 -3.85 -31.44
C GLU B 161 -14.53 -4.63 -31.03
N ASP B 162 -14.57 -5.23 -29.85
CA ASP B 162 -15.69 -6.09 -29.45
C ASP B 162 -16.10 -5.72 -28.03
N LYS B 163 -17.14 -4.90 -27.92
CA LYS B 163 -17.69 -4.52 -26.62
C LYS B 163 -17.91 -5.71 -25.71
N LEU B 164 -18.22 -6.88 -26.27
CA LEU B 164 -18.52 -8.02 -25.42
C LEU B 164 -17.31 -8.53 -24.64
N LEU B 165 -16.11 -8.02 -24.94
CA LEU B 165 -14.90 -8.40 -24.20
C LEU B 165 -14.28 -7.24 -23.44
N SER B 166 -14.91 -6.06 -23.52
CA SER B 166 -14.30 -4.81 -23.05
C SER B 166 -14.08 -4.80 -21.54
N LYS B 167 -14.76 -5.66 -20.80
CA LYS B 167 -14.64 -5.68 -19.34
C LYS B 167 -13.91 -6.89 -18.80
N HIS B 168 -13.58 -7.86 -19.65
CA HIS B 168 -12.83 -9.03 -19.22
C HIS B 168 -11.38 -8.64 -18.94
N ILE B 169 -10.78 -9.35 -18.00
CA ILE B 169 -9.47 -9.03 -17.45
C ILE B 169 -8.48 -10.13 -17.81
N VAL B 170 -7.25 -9.73 -18.12
CA VAL B 170 -6.17 -10.67 -18.39
C VAL B 170 -4.96 -10.28 -17.52
N GLY B 171 -4.57 -11.19 -16.66
CA GLY B 171 -3.31 -11.08 -15.94
C GLY B 171 -2.27 -11.97 -16.55
N VAL B 172 -1.00 -11.67 -16.25
CA VAL B 172 0.13 -12.43 -16.75
C VAL B 172 0.99 -12.90 -15.58
N SER B 173 1.16 -14.21 -15.48
CA SER B 173 2.06 -14.82 -14.51
C SER B 173 3.45 -14.87 -15.11
N ILE B 174 4.43 -14.39 -14.34
CA ILE B 174 5.81 -14.36 -14.79
C ILE B 174 6.72 -15.15 -13.88
N GLY B 175 7.73 -15.76 -14.49
CA GLY B 175 8.70 -16.55 -13.76
C GLY B 175 10.10 -16.48 -14.36
N LYS B 176 10.94 -17.46 -14.10
CA LYS B 176 12.29 -17.45 -14.61
C LYS B 176 12.56 -18.71 -15.41
N ASN B 177 13.43 -18.55 -16.41
CA ASN B 177 13.94 -19.70 -17.14
C ASN B 177 14.74 -20.61 -16.20
N LYS B 178 14.79 -21.89 -16.55
CA LYS B 178 15.41 -22.87 -15.67
C LYS B 178 16.84 -22.51 -15.34
N ASP B 179 17.62 -22.03 -16.33
CA ASP B 179 19.04 -21.85 -16.11
C ASP B 179 19.37 -20.45 -15.61
N THR B 180 18.37 -19.62 -15.36
CA THR B 180 18.66 -18.26 -14.91
C THR B 180 19.13 -18.24 -13.47
N VAL B 181 20.17 -17.43 -13.20
CA VAL B 181 20.75 -17.36 -11.87
C VAL B 181 19.97 -16.42 -10.95
N ASN B 182 19.74 -15.17 -11.38
CA ASN B 182 18.94 -14.20 -10.61
C ASN B 182 17.54 -14.09 -11.22
N ILE B 183 16.55 -14.58 -10.49
CA ILE B 183 15.16 -14.49 -10.92
C ILE B 183 14.77 -13.07 -11.32
N VAL B 184 15.26 -12.04 -10.60
CA VAL B 184 14.80 -10.68 -10.84
C VAL B 184 15.09 -10.26 -12.29
N ASP B 185 16.23 -10.67 -12.85
CA ASP B 185 16.53 -10.32 -14.23
C ASP B 185 15.41 -10.78 -15.16
N ASP B 186 14.94 -11.99 -14.97
CA ASP B 186 13.89 -12.54 -15.84
C ASP B 186 12.55 -11.85 -15.59
N LEU B 187 12.23 -11.54 -14.33
CA LEU B 187 11.00 -10.81 -14.05
C LEU B 187 10.99 -9.45 -14.74
N LYS B 188 12.11 -8.71 -14.61
CA LYS B 188 12.22 -7.41 -15.27
C LYS B 188 12.04 -7.53 -16.78
N TYR B 189 12.67 -8.53 -17.39
CA TYR B 189 12.52 -8.72 -18.83
C TYR B 189 11.06 -8.86 -19.21
N CYS B 190 10.32 -9.67 -18.45
CA CYS B 190 8.93 -9.88 -18.78
C CYS B 190 8.14 -8.59 -18.61
N ILE B 191 8.39 -7.85 -17.54
CA ILE B 191 7.70 -6.58 -17.33
C ILE B 191 7.89 -5.66 -18.53
N ASN B 192 9.15 -5.52 -18.99
CA ASN B 192 9.45 -4.57 -20.04
C ASN B 192 8.86 -4.97 -21.39
N LYS B 193 8.52 -6.24 -21.59
CA LYS B 193 7.95 -6.62 -22.87
C LYS B 193 6.43 -6.76 -22.82
N ILE B 194 5.88 -7.47 -21.83
CA ILE B 194 4.45 -7.71 -21.77
C ILE B 194 3.70 -6.84 -20.78
N GLY B 195 4.39 -6.09 -19.90
CA GLY B 195 3.69 -5.40 -18.83
C GLY B 195 2.60 -4.45 -19.30
N ARG B 196 2.84 -3.74 -20.41
CA ARG B 196 1.91 -2.72 -20.83
C ARG B 196 0.58 -3.31 -21.31
N TYR B 197 0.55 -4.62 -21.56
CA TYR B 197 -0.65 -5.31 -22.04
C TYR B 197 -1.38 -6.09 -20.96
N ALA B 198 -0.89 -6.04 -19.74
CA ALA B 198 -1.43 -6.85 -18.65
C ALA B 198 -2.26 -5.99 -17.72
N ASP B 199 -3.38 -6.52 -17.27
CA ASP B 199 -4.14 -5.84 -16.22
C ASP B 199 -3.51 -6.02 -14.86
N TYR B 200 -2.84 -7.14 -14.64
CA TYR B 200 -2.05 -7.39 -13.46
C TYR B 200 -0.94 -8.36 -13.85
N ILE B 201 0.11 -8.32 -13.05
CA ILE B 201 1.23 -9.24 -13.12
C ILE B 201 1.20 -10.12 -11.85
N ALA B 202 1.24 -11.42 -12.04
CA ALA B 202 1.42 -12.38 -10.95
C ALA B 202 2.87 -12.84 -10.91
N ILE B 203 3.52 -12.61 -9.78
CA ILE B 203 4.89 -13.06 -9.54
C ILE B 203 4.82 -14.50 -9.05
N ASN B 204 5.36 -15.43 -9.82
CA ASN B 204 5.32 -16.85 -9.45
C ASN B 204 6.62 -17.20 -8.72
N VAL B 205 6.54 -17.23 -7.39
CA VAL B 205 7.62 -17.74 -6.55
C VAL B 205 7.21 -19.05 -5.88
N SER B 206 6.28 -19.80 -6.46
CA SER B 206 5.71 -20.94 -5.75
C SER B 206 5.56 -22.22 -6.56
N SER B 207 5.91 -22.24 -7.84
CA SER B 207 5.96 -23.52 -8.53
C SER B 207 6.82 -24.51 -7.76
N PRO B 208 6.34 -25.75 -7.56
CA PRO B 208 7.18 -26.78 -6.96
C PRO B 208 8.14 -27.46 -7.94
N ASN B 209 8.12 -27.05 -9.21
CA ASN B 209 8.74 -27.79 -10.31
C ASN B 209 9.92 -27.07 -10.95
N THR B 210 10.37 -25.96 -10.37
CA THR B 210 11.61 -25.30 -10.75
C THR B 210 12.50 -25.30 -9.53
N PRO B 211 13.60 -26.05 -9.52
CA PRO B 211 14.38 -26.21 -8.29
C PRO B 211 14.75 -24.86 -7.67
N GLY B 212 14.54 -24.74 -6.37
CA GLY B 212 14.93 -23.54 -5.65
C GLY B 212 13.97 -22.37 -5.75
N LEU B 213 12.96 -22.45 -6.62
CA LEU B 213 12.10 -21.28 -6.82
C LEU B 213 11.42 -20.86 -5.53
N ARG B 214 10.88 -21.83 -4.77
CA ARG B 214 10.18 -21.54 -3.53
C ARG B 214 11.07 -20.89 -2.47
N ASP B 215 12.41 -21.02 -2.57
CA ASP B 215 13.30 -20.30 -1.65
C ASP B 215 13.09 -18.81 -1.76
N ASN B 216 12.54 -18.31 -2.88
CA ASN B 216 12.33 -16.88 -3.02
C ASN B 216 11.15 -16.36 -2.22
N GLN B 217 10.42 -17.26 -1.56
CA GLN B 217 9.42 -16.86 -0.57
C GLN B 217 10.04 -16.45 0.78
N GLU B 218 11.33 -16.73 0.99
CA GLU B 218 12.02 -16.21 2.17
C GLU B 218 11.86 -14.70 2.19
N ALA B 219 11.54 -14.15 3.36
CA ALA B 219 10.98 -12.80 3.41
C ALA B 219 11.92 -11.79 2.76
N GLY B 220 13.21 -11.86 3.08
CA GLY B 220 14.14 -10.92 2.51
C GLY B 220 14.23 -11.00 1.00
N LYS B 221 14.31 -12.23 0.47
CA LYS B 221 14.34 -12.39 -0.98
C LYS B 221 13.04 -11.89 -1.61
N LEU B 222 11.91 -12.24 -1.00
CA LEU B 222 10.62 -11.85 -1.54
C LEU B 222 10.48 -10.32 -1.57
N LYS B 223 10.94 -9.66 -0.51
CA LYS B 223 10.82 -8.21 -0.45
C LYS B 223 11.56 -7.57 -1.62
N ASN B 224 12.80 -8.02 -1.87
CA ASN B 224 13.58 -7.48 -2.98
C ASN B 224 12.91 -7.78 -4.32
N ILE B 225 12.32 -8.96 -4.45
CA ILE B 225 11.63 -9.31 -5.69
C ILE B 225 10.47 -8.36 -5.95
N ILE B 226 9.62 -8.15 -4.93
CA ILE B 226 8.43 -7.32 -5.13
C ILE B 226 8.84 -5.89 -5.45
N LEU B 227 9.77 -5.35 -4.68
CA LEU B 227 10.20 -3.98 -4.90
C LEU B 227 10.83 -3.83 -6.28
N SER B 228 11.60 -4.84 -6.71
CA SER B 228 12.21 -4.81 -8.05
C SER B 228 11.15 -4.80 -9.12
N VAL B 229 10.11 -5.63 -8.98
CA VAL B 229 9.06 -5.70 -9.99
C VAL B 229 8.28 -4.39 -10.03
N LYS B 230 7.92 -3.84 -8.87
CA LYS B 230 7.18 -2.58 -8.87
C LYS B 230 8.02 -1.46 -9.45
N GLU B 231 9.32 -1.42 -9.08
CA GLU B 231 10.21 -0.41 -9.63
C GLU B 231 10.29 -0.51 -11.14
N GLU B 232 10.28 -1.74 -11.69
CA GLU B 232 10.37 -1.89 -13.14
C GLU B 232 9.10 -1.43 -13.83
N ILE B 233 7.93 -1.71 -13.25
CA ILE B 233 6.66 -1.23 -13.76
C ILE B 233 6.59 0.30 -13.68
N ASP B 234 7.02 0.87 -12.54
CA ASP B 234 7.04 2.33 -12.40
C ASP B 234 7.97 2.98 -13.42
N ASN B 235 9.10 2.34 -13.69
CA ASN B 235 10.03 2.84 -14.70
C ASN B 235 9.46 2.70 -16.10
N LEU B 236 8.74 1.61 -16.37
CA LEU B 236 8.05 1.47 -17.64
C LEU B 236 7.11 2.63 -17.85
N GLU B 237 6.35 2.97 -16.81
CA GLU B 237 5.44 4.10 -16.88
C GLU B 237 6.19 5.41 -17.07
N LYS B 238 7.22 5.64 -16.26
CA LYS B 238 7.93 6.92 -16.29
C LYS B 238 8.64 7.15 -17.64
N ASN B 239 9.13 6.09 -18.25
CA ASN B 239 9.93 6.22 -19.47
C ASN B 239 9.11 6.14 -20.75
N ASN B 240 7.84 5.74 -20.67
CA ASN B 240 7.02 5.49 -21.86
C ASN B 240 5.65 6.14 -21.86
N ILE B 241 5.22 6.79 -20.76
CA ILE B 241 3.85 7.27 -20.71
C ILE B 241 3.65 8.42 -21.70
N MET B 242 4.74 9.06 -22.15
CA MET B 242 4.63 10.18 -23.07
C MET B 242 4.54 9.75 -24.53
N ASN B 243 4.69 8.46 -24.81
CA ASN B 243 4.80 8.07 -26.20
C ASN B 243 3.45 8.17 -26.90
N ASP B 244 3.50 8.19 -28.24
CA ASP B 244 2.33 8.62 -29.03
C ASP B 244 1.16 7.65 -28.86
N GLU B 245 1.43 6.36 -28.71
CA GLU B 245 0.38 5.37 -28.49
C GLU B 245 0.15 5.20 -27.00
N PHE B 246 -1.12 5.16 -26.59
CA PHE B 246 -1.44 5.08 -25.17
C PHE B 246 -0.75 3.86 -24.57
N LEU B 247 -0.05 4.07 -23.46
CA LEU B 247 0.88 3.06 -22.96
C LEU B 247 0.12 1.81 -22.52
N TRP B 248 -0.96 1.97 -21.76
CA TRP B 248 -1.62 0.82 -21.13
C TRP B 248 -2.65 0.30 -22.10
N PHE B 249 -2.22 -0.64 -22.90
CA PHE B 249 -3.10 -1.27 -23.88
C PHE B 249 -3.66 -2.53 -23.22
N ASN B 250 -4.56 -2.30 -22.26
CA ASN B 250 -5.13 -3.36 -21.45
C ASN B 250 -6.58 -3.01 -21.15
N THR B 251 -7.19 -3.72 -20.19
CA THR B 251 -8.61 -3.46 -19.88
C THR B 251 -8.76 -2.23 -19.01
N THR B 252 -7.91 -2.10 -17.99
CA THR B 252 -8.03 -1.05 -16.99
C THR B 252 -7.66 0.30 -17.55
N LYS B 253 -6.82 0.32 -18.59
CA LYS B 253 -6.12 1.50 -19.08
C LYS B 253 -5.22 2.12 -18.00
N LYS B 254 -4.75 1.29 -17.07
CA LYS B 254 -3.87 1.67 -15.98
C LYS B 254 -2.69 0.73 -15.90
N LYS B 255 -1.64 1.17 -15.21
CA LYS B 255 -0.48 0.32 -15.02
C LYS B 255 -0.91 -0.97 -14.30
N PRO B 256 -0.33 -2.11 -14.66
CA PRO B 256 -0.74 -3.37 -14.05
C PRO B 256 -0.53 -3.38 -12.55
N LEU B 257 -1.52 -3.90 -11.86
CA LEU B 257 -1.35 -4.28 -10.46
C LEU B 257 -0.35 -5.44 -10.33
N VAL B 258 0.12 -5.68 -9.11
CA VAL B 258 1.12 -6.71 -8.88
C VAL B 258 0.60 -7.63 -7.79
N PHE B 259 0.54 -8.92 -8.11
CA PHE B 259 0.18 -9.97 -7.18
C PHE B 259 1.36 -10.90 -7.00
N VAL B 260 1.38 -11.61 -5.88
CA VAL B 260 2.33 -12.69 -5.61
C VAL B 260 1.54 -13.97 -5.43
N LYS B 261 2.00 -15.05 -6.02
CA LYS B 261 1.39 -16.37 -5.85
C LYS B 261 2.26 -17.16 -4.88
N LEU B 262 1.64 -17.62 -3.80
CA LEU B 262 2.34 -18.29 -2.71
C LEU B 262 2.05 -19.78 -2.68
N ALA B 263 3.04 -20.55 -2.17
CA ALA B 263 2.89 -21.98 -1.99
C ALA B 263 2.20 -22.28 -0.65
N PRO B 264 1.39 -23.33 -0.60
CA PRO B 264 0.71 -23.70 0.65
C PRO B 264 1.62 -24.43 1.64
N ASP B 265 2.80 -24.82 1.19
CA ASP B 265 3.75 -25.60 1.96
C ASP B 265 4.75 -24.66 2.64
N LEU B 266 4.24 -23.98 3.68
CA LEU B 266 5.00 -23.03 4.48
C LEU B 266 4.65 -23.23 5.94
N ASN B 267 5.62 -22.96 6.82
CA ASN B 267 5.42 -23.00 8.27
C ASN B 267 4.83 -21.66 8.73
N GLN B 268 4.26 -21.66 9.93
CA GLN B 268 3.53 -20.46 10.38
C GLN B 268 4.45 -19.25 10.54
N GLU B 269 5.70 -19.46 10.95
CA GLU B 269 6.60 -18.33 11.13
C GLU B 269 6.89 -17.65 9.79
N GLN B 270 7.11 -18.43 8.74
CA GLN B 270 7.36 -17.85 7.43
C GLN B 270 6.11 -17.16 6.88
N LYS B 271 4.93 -17.73 7.13
CA LYS B 271 3.71 -17.07 6.65
C LYS B 271 3.60 -15.67 7.24
N LYS B 272 3.87 -15.52 8.53
CA LYS B 272 3.82 -14.20 9.16
C LYS B 272 4.89 -13.26 8.60
N GLU B 273 6.11 -13.77 8.39
CA GLU B 273 7.18 -12.91 7.87
C GLU B 273 6.82 -12.44 6.47
N ILE B 274 6.24 -13.33 5.66
CA ILE B 274 5.81 -12.93 4.32
C ILE B 274 4.77 -11.82 4.44
N ALA B 275 3.75 -12.02 5.29
CA ALA B 275 2.68 -11.06 5.51
C ALA B 275 3.25 -9.68 5.79
N ASP B 276 4.25 -9.61 6.67
CA ASP B 276 4.85 -8.32 7.00
C ASP B 276 5.50 -7.67 5.79
N VAL B 277 6.17 -8.47 4.95
CA VAL B 277 6.74 -7.97 3.69
C VAL B 277 5.64 -7.48 2.74
N LEU B 278 4.51 -8.21 2.64
CA LEU B 278 3.47 -7.77 1.72
C LEU B 278 2.88 -6.43 2.15
N LEU B 279 2.75 -6.22 3.46
CA LEU B 279 2.26 -4.95 4.01
C LEU B 279 3.22 -3.80 3.71
N GLU B 280 4.51 -4.02 3.94
CA GLU B 280 5.51 -2.98 3.73
C GLU B 280 5.66 -2.65 2.25
N THR B 281 5.67 -3.67 1.39
CA THR B 281 5.85 -3.46 -0.05
C THR B 281 4.56 -3.12 -0.80
N ASN B 282 3.39 -3.21 -0.16
CA ASN B 282 2.14 -2.77 -0.78
C ASN B 282 1.81 -3.59 -2.03
N ILE B 283 1.96 -4.92 -1.93
CA ILE B 283 1.48 -5.81 -2.98
C ILE B 283 -0.03 -5.61 -3.11
N ASP B 284 -0.54 -5.69 -4.34
CA ASP B 284 -1.95 -5.43 -4.60
C ASP B 284 -2.85 -6.61 -4.32
N GLY B 285 -2.28 -7.79 -4.21
CA GLY B 285 -3.06 -9.01 -3.97
C GLY B 285 -2.12 -10.18 -3.79
N MET B 286 -2.65 -11.21 -3.15
CA MET B 286 -1.92 -12.46 -2.99
C MET B 286 -2.79 -13.61 -3.50
N ILE B 287 -2.22 -14.42 -4.37
CA ILE B 287 -2.90 -15.58 -4.93
C ILE B 287 -2.57 -16.74 -3.99
N ILE B 288 -3.58 -17.21 -3.28
CA ILE B 288 -3.48 -18.27 -2.28
C ILE B 288 -4.35 -19.40 -2.79
N SER B 289 -3.77 -20.46 -3.35
CA SER B 289 -2.37 -20.78 -3.36
C SER B 289 -2.03 -21.62 -4.60
N ASN B 290 -0.75 -21.91 -4.74
CA ASN B 290 -0.25 -22.85 -5.72
C ASN B 290 -0.51 -24.28 -5.23
N THR B 291 0.02 -25.23 -6.00
CA THR B 291 -0.12 -26.64 -5.72
C THR B 291 0.71 -27.04 -4.50
N THR B 292 0.37 -28.19 -3.94
CA THR B 292 1.01 -28.71 -2.74
C THR B 292 1.85 -29.94 -3.03
N THR B 293 2.94 -30.08 -2.27
CA THR B 293 3.73 -31.30 -2.26
C THR B 293 3.45 -32.15 -1.03
N GLN B 294 2.41 -31.81 -0.28
CA GLN B 294 2.13 -32.43 1.00
C GLN B 294 1.21 -33.63 0.93
N ILE B 295 0.59 -33.89 -0.20
CA ILE B 295 -0.48 -34.87 -0.31
C ILE B 295 0.13 -36.19 -0.75
N ASN B 296 0.02 -37.20 0.11
CA ASN B 296 0.70 -38.49 -0.09
C ASN B 296 -0.27 -39.67 -0.12
N ASP B 297 -1.58 -39.43 -0.15
CA ASP B 297 -2.55 -40.51 0.02
C ASP B 297 -3.43 -40.70 -1.22
N ILE B 298 -2.92 -40.36 -2.41
CA ILE B 298 -3.61 -40.65 -3.66
C ILE B 298 -2.85 -41.79 -4.31
N LYS B 299 -3.46 -42.98 -4.31
CA LYS B 299 -2.73 -44.18 -4.68
C LYS B 299 -2.13 -44.09 -6.08
N SER B 300 -2.91 -43.62 -7.05
CA SER B 300 -2.40 -43.54 -8.43
C SER B 300 -1.29 -42.51 -8.60
N PHE B 301 -1.00 -41.68 -7.59
CA PHE B 301 0.05 -40.68 -7.63
C PHE B 301 1.32 -41.09 -6.87
N GLU B 302 1.38 -42.32 -6.34
CA GLU B 302 2.39 -42.60 -5.33
C GLU B 302 3.80 -42.57 -5.90
N ASN B 303 3.96 -42.89 -7.19
CA ASN B 303 5.27 -42.86 -7.82
C ASN B 303 5.46 -41.66 -8.74
N LYS B 304 4.88 -40.51 -8.40
CA LYS B 304 4.86 -39.36 -9.30
C LYS B 304 5.38 -38.11 -8.59
N LYS B 305 6.18 -37.34 -9.32
CA LYS B 305 6.72 -36.09 -8.81
C LYS B 305 5.80 -34.93 -9.13
N GLY B 306 5.90 -33.88 -8.33
CA GLY B 306 5.26 -32.61 -8.64
C GLY B 306 4.23 -32.16 -7.63
N GLY B 307 3.45 -31.17 -8.06
CA GLY B 307 2.48 -30.50 -7.19
C GLY B 307 1.09 -31.01 -7.47
N VAL B 308 0.32 -31.11 -6.40
CA VAL B 308 -1.02 -31.67 -6.47
C VAL B 308 -2.02 -30.52 -6.43
N SER B 309 -3.02 -30.65 -7.31
CA SER B 309 -4.13 -29.75 -7.54
C SER B 309 -5.45 -30.46 -7.26
N GLY B 310 -6.52 -29.69 -7.11
CA GLY B 310 -7.85 -30.26 -7.09
C GLY B 310 -8.44 -30.39 -5.70
N ALA B 311 -9.38 -31.34 -5.59
CA ALA B 311 -10.23 -31.36 -4.41
C ALA B 311 -9.42 -31.60 -3.14
N LYS B 312 -8.32 -32.32 -3.23
CA LYS B 312 -7.59 -32.63 -2.01
C LYS B 312 -6.73 -31.46 -1.54
N LEU B 313 -6.68 -30.39 -2.32
CA LEU B 313 -6.03 -29.14 -1.98
C LEU B 313 -6.97 -28.13 -1.35
N LYS B 314 -8.29 -28.37 -1.39
CA LYS B 314 -9.24 -27.33 -0.99
C LYS B 314 -9.05 -26.92 0.47
N ASP B 315 -9.09 -27.88 1.38
CA ASP B 315 -9.07 -27.49 2.79
C ASP B 315 -7.75 -26.81 3.16
N ILE B 316 -6.64 -27.36 2.67
CA ILE B 316 -5.32 -26.79 2.89
C ILE B 316 -5.29 -25.32 2.46
N SER B 317 -5.75 -25.05 1.25
CA SER B 317 -5.64 -23.69 0.72
C SER B 317 -6.66 -22.74 1.35
N THR B 318 -7.86 -23.22 1.69
CA THR B 318 -8.80 -22.38 2.44
C THR B 318 -8.22 -21.99 3.79
N LYS B 319 -7.58 -22.93 4.49
CA LYS B 319 -6.99 -22.58 5.78
C LYS B 319 -5.90 -21.53 5.60
N PHE B 320 -5.10 -21.67 4.55
CA PHE B 320 -4.03 -20.72 4.27
C PHE B 320 -4.59 -19.33 3.96
N ILE B 321 -5.71 -19.26 3.24
CA ILE B 321 -6.39 -17.99 3.07
C ILE B 321 -6.72 -17.37 4.42
N CYS B 322 -7.38 -18.13 5.31
CA CYS B 322 -7.75 -17.60 6.63
C CYS B 322 -6.53 -17.05 7.35
N GLU B 323 -5.45 -17.83 7.36
CA GLU B 323 -4.23 -17.42 8.05
C GLU B 323 -3.68 -16.11 7.49
N MET B 324 -3.55 -16.03 6.17
CA MET B 324 -2.93 -14.87 5.55
C MET B 324 -3.83 -13.64 5.61
N TYR B 325 -5.15 -13.81 5.55
CA TYR B 325 -6.06 -12.71 5.82
C TYR B 325 -5.82 -12.13 7.20
N ASN B 326 -5.66 -13.00 8.21
N ASN B 326 -5.59 -12.97 8.22
CA ASN B 326 -5.32 -12.59 9.57
CA ASN B 326 -5.33 -12.41 9.54
C ASN B 326 -3.95 -11.91 9.61
C ASN B 326 -3.90 -11.93 9.71
N TYR B 327 -2.92 -12.60 9.10
CA TYR B 327 -1.55 -12.11 9.25
C TYR B 327 -1.33 -10.77 8.57
N THR B 328 -2.03 -10.50 7.46
CA THR B 328 -1.96 -9.20 6.80
C THR B 328 -3.00 -8.21 7.31
N ASN B 329 -3.73 -8.57 8.36
CA ASN B 329 -4.68 -7.67 9.01
C ASN B 329 -5.73 -7.18 8.01
N LYS B 330 -6.13 -8.07 7.11
CA LYS B 330 -7.18 -7.82 6.13
C LYS B 330 -6.81 -6.70 5.13
N GLN B 331 -5.52 -6.33 4.99
CA GLN B 331 -5.12 -5.20 4.17
C GLN B 331 -4.76 -5.57 2.73
N ILE B 332 -4.59 -6.87 2.46
CA ILE B 332 -4.14 -7.35 1.15
C ILE B 332 -5.20 -8.25 0.49
N PRO B 333 -5.82 -7.80 -0.60
CA PRO B 333 -6.82 -8.62 -1.29
C PRO B 333 -6.28 -10.00 -1.66
N ILE B 334 -7.17 -10.98 -1.65
CA ILE B 334 -6.83 -12.38 -1.85
C ILE B 334 -7.52 -12.94 -3.08
N ILE B 335 -6.74 -13.61 -3.91
CA ILE B 335 -7.23 -14.36 -5.05
C ILE B 335 -7.15 -15.83 -4.64
N ALA B 336 -8.29 -16.52 -4.60
CA ALA B 336 -8.34 -17.91 -4.16
C ALA B 336 -8.04 -18.86 -5.32
N SER B 337 -7.17 -19.83 -5.06
CA SER B 337 -6.91 -20.94 -5.96
C SER B 337 -6.71 -22.19 -5.12
N GLY B 338 -7.43 -23.25 -5.45
CA GLY B 338 -7.23 -24.52 -4.78
C GLY B 338 -8.51 -25.26 -4.46
N GLY B 339 -8.81 -26.26 -5.29
CA GLY B 339 -9.92 -27.16 -5.03
C GLY B 339 -11.30 -26.56 -5.13
N ILE B 340 -11.48 -25.51 -5.93
CA ILE B 340 -12.78 -24.87 -6.07
C ILE B 340 -13.56 -25.57 -7.18
N PHE B 341 -14.67 -26.24 -6.82
CA PHE B 341 -15.50 -26.92 -7.79
C PHE B 341 -16.95 -26.44 -7.79
N SER B 342 -17.49 -26.07 -6.63
CA SER B 342 -18.90 -25.76 -6.47
C SER B 342 -19.09 -24.33 -5.98
N GLY B 343 -20.34 -23.87 -6.09
CA GLY B 343 -20.71 -22.62 -5.45
C GLY B 343 -20.35 -22.60 -3.98
N LEU B 344 -20.57 -23.72 -3.29
CA LEU B 344 -20.25 -23.78 -1.87
C LEU B 344 -18.74 -23.66 -1.62
N ASP B 345 -17.92 -24.34 -2.44
CA ASP B 345 -16.47 -24.15 -2.35
C ASP B 345 -16.10 -22.68 -2.52
N ALA B 346 -16.70 -22.04 -3.52
CA ALA B 346 -16.37 -20.63 -3.78
C ALA B 346 -16.73 -19.76 -2.58
N LEU B 347 -17.94 -19.94 -2.04
CA LEU B 347 -18.32 -19.15 -0.88
C LEU B 347 -17.40 -19.40 0.31
N GLU B 348 -16.93 -20.64 0.49
CA GLU B 348 -15.99 -20.91 1.58
C GLU B 348 -14.74 -20.05 1.41
N LYS B 349 -14.19 -19.98 0.19
CA LYS B 349 -13.01 -19.15 -0.08
C LYS B 349 -13.29 -17.70 0.17
N ILE B 350 -14.45 -17.22 -0.28
CA ILE B 350 -14.81 -15.82 -0.11
C ILE B 350 -14.99 -15.49 1.37
N GLU B 351 -15.71 -16.35 2.12
CA GLU B 351 -15.91 -16.06 3.54
C GLU B 351 -14.59 -16.13 4.30
N ALA B 352 -13.64 -16.91 3.80
CA ALA B 352 -12.32 -17.00 4.42
C ALA B 352 -11.48 -15.75 4.18
N GLY B 353 -11.85 -14.92 3.19
CA GLY B 353 -11.13 -13.70 2.88
C GLY B 353 -10.89 -13.42 1.40
N ALA B 354 -11.24 -14.34 0.51
CA ALA B 354 -10.94 -14.11 -0.91
C ALA B 354 -11.93 -13.14 -1.52
N SER B 355 -11.45 -12.32 -2.43
CA SER B 355 -12.28 -11.43 -3.23
C SER B 355 -12.70 -12.04 -4.55
N VAL B 356 -11.94 -12.99 -5.06
CA VAL B 356 -12.21 -13.57 -6.37
C VAL B 356 -11.62 -14.96 -6.35
N CYS B 357 -12.08 -15.81 -7.26
CA CYS B 357 -11.72 -17.22 -7.31
C CYS B 357 -11.13 -17.57 -8.67
N GLN B 358 -10.16 -18.48 -8.67
CA GLN B 358 -9.62 -19.05 -9.90
C GLN B 358 -9.90 -20.54 -9.93
N LEU B 359 -10.26 -21.04 -11.10
CA LEU B 359 -10.46 -22.45 -11.35
C LEU B 359 -9.36 -23.01 -12.25
N TYR B 360 -9.04 -24.28 -12.04
CA TYR B 360 -8.18 -25.05 -12.92
C TYR B 360 -8.72 -26.47 -12.94
N SER B 361 -8.54 -27.23 -11.86
CA SER B 361 -9.07 -28.60 -11.84
C SER B 361 -10.55 -28.68 -12.19
N CYS B 362 -11.36 -27.72 -11.74
CA CYS B 362 -12.80 -27.75 -12.07
C CYS B 362 -13.03 -27.73 -13.58
N LEU B 363 -12.28 -26.92 -14.31
CA LEU B 363 -12.39 -26.93 -15.77
C LEU B 363 -11.98 -28.27 -16.35
N VAL B 364 -10.96 -28.90 -15.80
CA VAL B 364 -10.55 -30.22 -16.30
C VAL B 364 -11.68 -31.23 -16.08
N PHE B 365 -12.22 -31.31 -14.85
CA PHE B 365 -13.13 -32.39 -14.50
C PHE B 365 -14.60 -32.10 -14.80
N ASN B 366 -14.99 -30.83 -14.84
CA ASN B 366 -16.35 -30.45 -15.21
C ASN B 366 -16.48 -29.91 -16.62
N GLY B 367 -15.39 -29.46 -17.22
CA GLY B 367 -15.43 -29.13 -18.63
C GLY B 367 -16.16 -27.85 -18.94
N MET B 368 -16.81 -27.86 -20.11
CA MET B 368 -17.28 -26.63 -20.75
C MET B 368 -18.27 -25.89 -19.87
N LYS B 369 -19.03 -26.60 -19.06
CA LYS B 369 -20.05 -25.98 -18.23
C LYS B 369 -19.52 -25.42 -16.93
N SER B 370 -18.21 -25.46 -16.69
CA SER B 370 -17.65 -25.10 -15.39
C SER B 370 -18.12 -23.74 -14.91
N ALA B 371 -18.03 -22.72 -15.76
CA ALA B 371 -18.31 -21.37 -15.28
C ALA B 371 -19.81 -21.12 -15.14
N VAL B 372 -20.59 -21.53 -16.13
CA VAL B 372 -22.04 -21.37 -16.04
C VAL B 372 -22.57 -21.99 -14.76
N GLN B 373 -22.14 -23.22 -14.49
CA GLN B 373 -22.67 -23.98 -13.36
C GLN B 373 -22.27 -23.36 -12.05
N ILE B 374 -21.00 -22.99 -11.89
CA ILE B 374 -20.55 -22.51 -10.59
C ILE B 374 -21.10 -21.12 -10.31
N LYS B 375 -21.29 -20.28 -11.34
CA LYS B 375 -21.89 -18.98 -11.13
C LYS B 375 -23.33 -19.14 -10.65
N ARG B 376 -24.06 -20.09 -11.24
CA ARG B 376 -25.44 -20.34 -10.84
C ARG B 376 -25.51 -20.81 -9.39
N GLU B 377 -24.65 -21.76 -9.03
CA GLU B 377 -24.65 -22.28 -7.65
C GLU B 377 -24.29 -21.19 -6.65
N LEU B 378 -23.33 -20.33 -6.98
CA LEU B 378 -22.97 -19.29 -6.01
C LEU B 378 -24.10 -18.27 -5.87
N ASN B 379 -24.75 -17.92 -6.98
CA ASN B 379 -25.83 -16.94 -6.90
C ASN B 379 -26.93 -17.45 -6.01
N HIS B 380 -27.24 -18.74 -6.12
CA HIS B 380 -28.30 -19.32 -5.31
C HIS B 380 -27.89 -19.36 -3.85
N LEU B 381 -26.62 -19.66 -3.59
CA LEU B 381 -26.14 -19.71 -2.22
C LEU B 381 -26.12 -18.33 -1.58
N LEU B 382 -25.80 -17.29 -2.35
CA LEU B 382 -25.88 -15.93 -1.83
C LEU B 382 -27.31 -15.59 -1.44
N TYR B 383 -28.28 -16.04 -2.23
CA TYR B 383 -29.69 -15.89 -1.85
C TYR B 383 -29.99 -16.61 -0.54
N GLN B 384 -29.71 -17.91 -0.50
CA GLN B 384 -30.04 -18.72 0.67
C GLN B 384 -29.39 -18.18 1.93
N ARG B 385 -28.18 -17.66 1.82
CA ARG B 385 -27.44 -17.22 2.99
C ARG B 385 -27.81 -15.80 3.42
N GLY B 386 -28.60 -15.08 2.64
CA GLY B 386 -29.07 -13.79 3.04
C GLY B 386 -28.17 -12.64 2.70
N TYR B 387 -27.10 -12.87 1.95
CA TYR B 387 -26.23 -11.79 1.52
C TYR B 387 -26.93 -10.91 0.51
N TYR B 388 -26.66 -9.61 0.59
CA TYR B 388 -27.15 -8.70 -0.43
C TYR B 388 -26.31 -8.81 -1.69
N ASN B 389 -25.01 -9.00 -1.51
CA ASN B 389 -24.11 -9.14 -2.63
C ASN B 389 -22.88 -9.89 -2.14
N LEU B 390 -22.02 -10.23 -3.10
CA LEU B 390 -20.85 -11.05 -2.82
C LEU B 390 -19.86 -10.28 -1.97
N LYS B 391 -19.71 -9.00 -2.25
CA LYS B 391 -18.78 -8.20 -1.47
C LYS B 391 -19.09 -8.26 0.02
N GLU B 392 -20.38 -8.38 0.40
CA GLU B 392 -20.73 -8.46 1.81
C GLU B 392 -20.16 -9.71 2.47
N ALA B 393 -19.92 -10.76 1.68
CA ALA B 393 -19.48 -12.03 2.22
C ALA B 393 -17.97 -12.11 2.41
N ILE B 394 -17.20 -11.21 1.81
CA ILE B 394 -15.75 -11.35 1.82
C ILE B 394 -15.27 -11.28 3.27
N GLY B 395 -14.58 -12.33 3.71
CA GLY B 395 -14.01 -12.34 5.04
C GLY B 395 -15.02 -12.52 6.14
N ARG B 396 -16.26 -12.87 5.84
CA ARG B 396 -17.27 -12.91 6.89
C ARG B 396 -17.09 -14.08 7.86
N LYS B 397 -16.20 -15.02 7.58
CA LYS B 397 -15.84 -16.03 8.56
C LYS B 397 -15.07 -15.44 9.75
N HIS B 398 -14.48 -14.26 9.59
CA HIS B 398 -13.62 -13.66 10.60
C HIS B 398 -14.38 -12.58 11.38
N SER B 399 -13.88 -12.29 12.57
CA SER B 399 -14.38 -11.20 13.39
C SER B 399 -15.89 -11.27 13.55
#